data_5YI6
#
_entry.id   5YI6
#
_cell.length_a   200.835
_cell.length_b   85.255
_cell.length_c   100.065
_cell.angle_alpha   90.00
_cell.angle_beta   118.47
_cell.angle_gamma   90.00
#
_symmetry.space_group_name_H-M   'C 1 2 1'
#
loop_
_entity.id
_entity.type
_entity.pdbx_description
1 polymer 'CRISPR-associated endoribonuclease Cas6 1'
2 non-polymer GLYCEROL
3 non-polymer 'PHOSPHATE ION'
4 water water
#
_entity_poly.entity_id   1
_entity_poly.type   'polypeptide(L)'
_entity_poly.pdbx_seq_one_letter_code
;MRESMRIELELQTDNFTVIPYNHQYYLASAIYNKIHSANPAYAKRLHNYQKFKFFTFSLLQIRKRVIRKEGIETIDGKAY
LYISSPNNEFIENFVAGLLEDGKLRVGNVEFFVRKAKILPIPKKFNILKTISPIYLKTMIETEDGLKTYDLLPNNSKFYE
NLKNNLKKKYEAFYNEKCDMNFEFEVLKFRPKRMRIKNDIYCRCSEMVFKVWGDYDLIKFGYECGFGEKNSMGFGMVVNV
EDKNQKNKKLKTKILEHHHHHH
;
_entity_poly.pdbx_strand_id   A,B,C,D
#
# COMPACT_ATOMS: atom_id res chain seq x y z
N ARG A 2 -13.26 -45.55 13.97
CA ARG A 2 -13.21 -46.46 15.11
C ARG A 2 -12.48 -47.77 14.76
N GLU A 3 -11.30 -47.91 15.35
CA GLU A 3 -10.37 -49.00 15.12
C GLU A 3 -9.51 -49.10 16.37
N SER A 4 -8.56 -50.03 16.38
CA SER A 4 -7.74 -50.17 17.58
C SER A 4 -6.59 -49.15 17.59
N MET A 5 -5.89 -49.08 18.74
CA MET A 5 -4.74 -48.19 18.79
C MET A 5 -3.80 -48.68 19.87
N ARG A 6 -2.50 -48.65 19.55
CA ARG A 6 -1.43 -48.92 20.49
C ARG A 6 -0.50 -47.72 20.53
N ILE A 7 -0.08 -47.31 21.73
CA ILE A 7 0.88 -46.23 21.87
C ILE A 7 2.01 -46.67 22.80
N GLU A 8 3.16 -46.09 22.54
CA GLU A 8 4.33 -46.18 23.40
C GLU A 8 4.50 -44.85 24.12
N LEU A 9 4.29 -44.83 25.44
CA LEU A 9 4.54 -43.62 26.21
C LEU A 9 6.02 -43.58 26.53
N GLU A 10 6.67 -42.48 26.13
CA GLU A 10 8.09 -42.29 26.39
C GLU A 10 8.21 -41.55 27.70
N LEU A 11 8.80 -42.19 28.70
CA LEU A 11 8.90 -41.66 30.04
C LEU A 11 10.36 -41.31 30.35
N GLN A 12 10.54 -40.34 31.24
CA GLN A 12 11.91 -39.91 31.60
C GLN A 12 11.96 -39.66 33.09
N THR A 13 12.88 -40.33 33.79
CA THR A 13 13.16 -40.05 35.19
C THR A 13 14.66 -39.74 35.32
N ASP A 14 15.16 -39.69 36.55
CA ASP A 14 16.59 -39.38 36.71
C ASP A 14 17.48 -40.47 36.15
N ASN A 15 18.64 -40.06 35.60
CA ASN A 15 19.64 -41.06 35.23
C ASN A 15 19.95 -41.97 36.41
N PHE A 16 20.25 -43.24 36.08
CA PHE A 16 20.68 -44.30 36.99
C PHE A 16 19.57 -44.77 37.91
N THR A 17 18.32 -44.51 37.59
CA THR A 17 17.24 -44.90 38.51
C THR A 17 16.95 -46.39 38.41
N VAL A 18 16.69 -47.04 39.54
CA VAL A 18 16.31 -48.46 39.54
C VAL A 18 14.80 -48.58 39.54
N ILE A 19 14.25 -49.32 38.58
CA ILE A 19 12.83 -49.66 38.57
C ILE A 19 12.69 -51.04 39.23
N PRO A 20 12.07 -51.11 40.41
CA PRO A 20 12.00 -52.39 41.14
C PRO A 20 11.36 -53.51 40.33
N TYR A 21 11.83 -54.73 40.58
CA TYR A 21 11.24 -55.91 39.95
C TYR A 21 9.75 -56.02 40.25
N ASN A 22 9.32 -55.55 41.43
CA ASN A 22 7.92 -55.69 41.79
C ASN A 22 7.10 -54.48 41.41
N HIS A 23 7.54 -53.69 40.40
CA HIS A 23 6.85 -52.44 40.12
C HIS A 23 5.45 -52.62 39.54
N GLN A 24 5.12 -53.79 38.96
CA GLN A 24 3.86 -53.85 38.19
C GLN A 24 2.67 -53.45 39.05
N TYR A 25 2.63 -53.91 40.29
CA TYR A 25 1.50 -53.61 41.18
C TYR A 25 1.31 -52.10 41.36
N TYR A 26 2.43 -51.37 41.55
CA TYR A 26 2.38 -49.92 41.71
C TYR A 26 2.09 -49.21 40.41
N LEU A 27 2.57 -49.75 39.30
CA LEU A 27 2.23 -49.21 37.99
C LEU A 27 0.73 -49.31 37.75
N ALA A 28 0.15 -50.48 38.03
CA ALA A 28 -1.28 -50.69 37.83
C ALA A 28 -2.08 -49.72 38.66
N SER A 29 -1.69 -49.54 39.93
CA SER A 29 -2.35 -48.55 40.78
C SER A 29 -2.22 -47.14 40.19
N ALA A 30 -1.05 -46.77 39.67
CA ALA A 30 -0.88 -45.43 39.11
C ALA A 30 -1.77 -45.21 37.90
N ILE A 31 -1.87 -46.23 37.03
CA ILE A 31 -2.70 -46.08 35.83
C ILE A 31 -4.17 -45.97 36.24
N TYR A 32 -4.61 -46.86 37.14
CA TYR A 32 -5.99 -46.75 37.65
C TYR A 32 -6.26 -45.35 38.20
N ASN A 33 -5.33 -44.81 39.00
CA ASN A 33 -5.55 -43.52 39.63
C ASN A 33 -5.61 -42.40 38.60
N LYS A 34 -4.83 -42.48 37.50
CA LYS A 34 -4.96 -41.47 36.45
C LYS A 34 -6.34 -41.54 35.81
N ILE A 35 -6.77 -42.74 35.42
CA ILE A 35 -8.06 -42.88 34.73
C ILE A 35 -9.21 -42.37 35.59
N HIS A 36 -9.15 -42.60 36.90
CA HIS A 36 -10.23 -42.22 37.81
C HIS A 36 -9.96 -40.91 38.53
N SER A 37 -9.02 -40.11 38.03
CA SER A 37 -8.65 -38.86 38.68
C SER A 37 -9.72 -37.78 38.52
N ALA A 38 -9.85 -36.92 39.54
CA ALA A 38 -10.67 -35.73 39.45
C ALA A 38 -9.97 -34.61 38.69
N ASN A 39 -8.68 -34.75 38.43
CA ASN A 39 -7.98 -33.77 37.61
C ASN A 39 -8.77 -33.56 36.31
N PRO A 40 -9.11 -32.32 35.96
CA PRO A 40 -9.85 -32.10 34.71
C PRO A 40 -9.11 -32.57 33.47
N ALA A 41 -7.78 -32.74 33.54
CA ALA A 41 -7.05 -33.33 32.42
C ALA A 41 -7.61 -34.72 32.06
N TYR A 42 -8.15 -35.45 33.04
CA TYR A 42 -8.72 -36.76 32.78
C TYR A 42 -10.24 -36.78 32.87
N ALA A 43 -10.80 -35.98 33.77
CA ALA A 43 -12.19 -36.11 34.17
C ALA A 43 -13.12 -35.99 32.97
N LYS A 44 -12.99 -34.91 32.20
CA LYS A 44 -13.90 -34.76 31.05
C LYS A 44 -13.65 -35.83 30.01
N ARG A 45 -12.36 -36.10 29.72
CA ARG A 45 -11.97 -37.01 28.64
C ARG A 45 -12.39 -38.44 28.93
N LEU A 46 -12.36 -38.87 30.19
CA LEU A 46 -12.55 -40.27 30.52
C LEU A 46 -13.86 -40.51 31.26
N HIS A 47 -14.78 -39.54 31.21
CA HIS A 47 -16.05 -39.68 31.92
C HIS A 47 -16.79 -40.96 31.53
N ASN A 48 -16.73 -41.34 30.26
CA ASN A 48 -17.43 -42.53 29.76
C ASN A 48 -16.62 -43.82 29.88
N TYR A 49 -15.44 -43.77 30.49
CA TYR A 49 -14.55 -44.93 30.51
C TYR A 49 -14.17 -45.36 31.93
N GLN A 50 -14.95 -44.96 32.94
CA GLN A 50 -14.59 -45.27 34.32
C GLN A 50 -14.74 -46.74 34.65
N LYS A 51 -15.53 -47.48 33.89
CA LYS A 51 -15.67 -48.91 34.08
C LYS A 51 -15.18 -49.69 32.86
N PHE A 52 -14.44 -49.03 31.99
CA PHE A 52 -13.99 -49.65 30.74
C PHE A 52 -12.85 -50.61 30.99
N LYS A 53 -12.99 -51.87 30.55
CA LYS A 53 -11.95 -52.85 30.87
C LYS A 53 -11.29 -53.50 29.66
N PHE A 54 -11.57 -53.02 28.44
CA PHE A 54 -11.01 -53.62 27.22
C PHE A 54 -9.78 -52.85 26.75
N PHE A 55 -8.74 -52.89 27.61
CA PHE A 55 -7.44 -52.32 27.24
C PHE A 55 -6.40 -53.04 28.07
N THR A 56 -5.14 -52.89 27.68
CA THR A 56 -4.06 -53.50 28.45
C THR A 56 -2.85 -52.57 28.45
N PHE A 57 -1.85 -52.88 29.30
CA PHE A 57 -0.60 -52.15 29.22
C PHE A 57 0.51 -53.07 29.68
N SER A 58 1.72 -52.68 29.33
CA SER A 58 2.90 -53.52 29.56
C SER A 58 3.50 -53.22 30.93
N LEU A 59 4.53 -54.01 31.29
CA LEU A 59 5.47 -53.58 32.31
C LEU A 59 6.27 -52.39 31.77
N LEU A 60 6.93 -51.67 32.69
CA LEU A 60 7.87 -50.63 32.26
C LEU A 60 9.06 -51.29 31.57
N GLN A 61 9.38 -50.82 30.37
CA GLN A 61 10.47 -51.41 29.60
C GLN A 61 11.67 -50.47 29.64
N ILE A 62 12.86 -51.03 29.85
CA ILE A 62 14.09 -50.24 29.91
C ILE A 62 15.03 -50.75 28.84
N ARG A 63 15.55 -49.83 28.02
CA ARG A 63 16.42 -50.23 26.92
C ARG A 63 17.90 -50.18 27.30
N LYS A 64 18.32 -49.11 27.96
CA LYS A 64 19.71 -48.97 28.41
C LYS A 64 19.78 -49.39 29.87
N ARG A 65 20.02 -50.67 30.10
CA ARG A 65 19.67 -51.27 31.38
C ARG A 65 20.88 -51.87 32.07
N VAL A 66 20.81 -51.89 33.40
CA VAL A 66 21.75 -52.64 34.24
C VAL A 66 20.94 -53.48 35.22
N ILE A 67 21.23 -54.77 35.27
CA ILE A 67 20.54 -55.65 36.20
C ILE A 67 21.06 -55.40 37.60
N ARG A 68 20.16 -55.11 38.53
CA ARG A 68 20.57 -54.87 39.91
C ARG A 68 19.84 -55.83 40.82
N LYS A 69 20.19 -55.78 42.09
CA LYS A 69 19.57 -56.68 43.07
C LYS A 69 18.07 -56.43 43.18
N GLU A 70 17.67 -55.15 43.27
CA GLU A 70 16.28 -54.80 43.53
C GLU A 70 15.46 -54.55 42.27
N GLY A 71 16.09 -54.41 41.12
CA GLY A 71 15.34 -54.13 39.90
C GLY A 71 16.28 -53.89 38.73
N ILE A 72 15.73 -53.22 37.72
CA ILE A 72 16.45 -52.91 36.49
C ILE A 72 16.76 -51.42 36.51
N GLU A 73 18.04 -51.09 36.43
CA GLU A 73 18.47 -49.70 36.39
C GLU A 73 18.35 -49.16 34.98
N THR A 74 17.80 -47.95 34.84
CA THR A 74 17.82 -47.24 33.58
C THR A 74 18.95 -46.21 33.64
N ILE A 75 19.94 -46.41 32.78
CA ILE A 75 21.15 -45.60 32.80
C ILE A 75 20.82 -44.17 32.36
N ASP A 76 20.00 -44.02 31.32
CA ASP A 76 19.69 -42.68 30.81
C ASP A 76 18.36 -42.14 31.35
N GLY A 77 17.75 -42.81 32.32
CA GLY A 77 16.51 -42.36 32.89
C GLY A 77 15.28 -42.64 32.03
N LYS A 78 15.46 -43.18 30.82
CA LYS A 78 14.30 -43.42 29.96
C LYS A 78 13.64 -44.75 30.29
N ALA A 79 12.31 -44.78 30.15
CA ALA A 79 11.55 -46.02 30.21
C ALA A 79 10.38 -45.88 29.25
N TYR A 80 9.78 -47.01 28.89
CA TYR A 80 8.74 -47.02 27.86
C TYR A 80 7.56 -47.83 28.39
N LEU A 81 6.35 -47.30 28.24
CA LEU A 81 5.15 -47.98 28.71
C LEU A 81 4.24 -48.13 27.50
N TYR A 82 3.87 -49.36 27.16
CA TYR A 82 2.99 -49.61 26.00
C TYR A 82 1.58 -49.75 26.53
N ILE A 83 0.61 -49.11 25.83
CA ILE A 83 -0.80 -49.14 26.22
C ILE A 83 -1.60 -49.35 24.95
N SER A 84 -2.62 -50.21 25.00
CA SER A 84 -3.37 -50.48 23.77
C SER A 84 -4.80 -50.82 24.09
N SER A 85 -5.67 -50.61 23.09
CA SER A 85 -7.08 -50.97 23.24
C SER A 85 -7.68 -51.19 21.86
N PRO A 86 -8.67 -52.09 21.72
CA PRO A 86 -9.46 -52.08 20.49
C PRO A 86 -10.32 -50.83 20.36
N ASN A 87 -10.40 -50.00 21.41
CA ASN A 87 -11.15 -48.74 21.39
C ASN A 87 -10.18 -47.56 21.24
N ASN A 88 -10.09 -47.01 20.02
CA ASN A 88 -9.07 -45.98 19.82
C ASN A 88 -9.44 -44.66 20.50
N GLU A 89 -10.74 -44.41 20.72
CA GLU A 89 -11.11 -43.20 21.43
C GLU A 89 -10.64 -43.23 22.88
N PHE A 90 -10.71 -44.38 23.55
CA PHE A 90 -10.16 -44.49 24.89
C PHE A 90 -8.69 -44.11 24.89
N ILE A 91 -7.94 -44.69 23.96
CA ILE A 91 -6.49 -44.47 23.95
C ILE A 91 -6.18 -43.01 23.66
N GLU A 92 -6.86 -42.42 22.66
CA GLU A 92 -6.58 -41.01 22.33
C GLU A 92 -6.90 -40.10 23.52
N ASN A 93 -8.06 -40.31 24.16
CA ASN A 93 -8.42 -39.48 25.30
C ASN A 93 -7.45 -39.64 26.46
N PHE A 94 -7.08 -40.89 26.77
CA PHE A 94 -6.16 -41.15 27.87
C PHE A 94 -4.79 -40.52 27.58
N VAL A 95 -4.30 -40.68 26.35
CA VAL A 95 -3.00 -40.09 25.99
C VAL A 95 -3.06 -38.56 26.12
N ALA A 96 -4.13 -37.92 25.64
CA ALA A 96 -4.21 -36.46 25.78
C ALA A 96 -4.16 -36.04 27.24
N GLY A 97 -4.84 -36.79 28.12
CA GLY A 97 -4.79 -36.48 29.54
C GLY A 97 -3.41 -36.70 30.13
N LEU A 98 -2.76 -37.82 29.79
CA LEU A 98 -1.41 -38.10 30.29
C LEU A 98 -0.43 -37.02 29.85
N LEU A 99 -0.53 -36.59 28.59
CA LEU A 99 0.40 -35.57 28.09
C LEU A 99 0.15 -34.22 28.76
N GLU A 100 -1.13 -33.86 28.99
CA GLU A 100 -1.42 -32.60 29.67
C GLU A 100 -0.95 -32.62 31.13
N ASP A 101 -1.23 -33.71 31.84
CA ASP A 101 -0.74 -33.90 33.20
C ASP A 101 0.80 -33.84 33.21
N GLY A 102 1.43 -34.71 32.42
CA GLY A 102 2.87 -34.65 32.20
C GLY A 102 3.71 -35.45 33.18
N LYS A 103 3.11 -36.01 34.23
CA LYS A 103 3.88 -36.73 35.24
C LYS A 103 3.20 -38.04 35.60
N LEU A 104 4.01 -39.06 35.84
CA LEU A 104 3.50 -40.38 36.26
C LEU A 104 4.41 -40.90 37.35
N ARG A 105 3.86 -41.13 38.54
CA ARG A 105 4.66 -41.68 39.63
C ARG A 105 4.34 -43.17 39.76
N VAL A 106 5.39 -43.99 39.75
CA VAL A 106 5.24 -45.44 39.94
C VAL A 106 6.03 -45.80 41.19
N GLY A 107 5.33 -46.10 42.28
CA GLY A 107 6.02 -46.34 43.54
C GLY A 107 6.76 -45.08 43.95
N ASN A 108 8.08 -45.19 44.09
CA ASN A 108 8.91 -44.05 44.48
C ASN A 108 9.58 -43.39 43.28
N VAL A 109 9.27 -43.80 42.05
CA VAL A 109 9.93 -43.25 40.87
C VAL A 109 9.01 -42.28 40.20
N GLU A 110 9.48 -41.06 39.96
CA GLU A 110 8.71 -40.03 39.26
C GLU A 110 9.19 -39.92 37.82
N PHE A 111 8.26 -40.07 36.87
CA PHE A 111 8.54 -39.91 35.44
C PHE A 111 7.92 -38.63 34.89
N PHE A 112 8.61 -38.01 33.95
CA PHE A 112 7.99 -37.08 33.03
C PHE A 112 7.44 -37.86 31.84
N VAL A 113 6.22 -37.52 31.42
CA VAL A 113 5.60 -38.12 30.24
C VAL A 113 5.94 -37.22 29.06
N ARG A 114 6.87 -37.66 28.20
CA ARG A 114 7.45 -36.80 27.17
C ARG A 114 6.61 -36.76 25.89
N LYS A 115 6.25 -37.92 25.35
CA LYS A 115 5.61 -38.07 24.04
C LYS A 115 4.86 -39.40 24.03
N ALA A 116 3.94 -39.56 23.08
CA ALA A 116 3.29 -40.84 22.88
C ALA A 116 3.46 -41.23 21.42
N LYS A 117 4.19 -42.32 21.19
CA LYS A 117 4.50 -42.77 19.84
C LYS A 117 3.39 -43.71 19.37
N ILE A 118 2.87 -43.45 18.17
CA ILE A 118 1.80 -44.29 17.63
C ILE A 118 2.39 -45.55 17.02
N LEU A 119 1.84 -46.72 17.38
CA LEU A 119 2.33 -48.00 16.88
C LEU A 119 1.24 -48.65 16.06
N PRO A 120 1.31 -48.58 14.74
CA PRO A 120 0.32 -49.25 13.90
C PRO A 120 0.37 -50.75 14.11
N ILE A 121 -0.80 -51.35 13.96
CA ILE A 121 -0.94 -52.79 14.16
C ILE A 121 -0.14 -53.55 13.10
N PRO A 122 0.54 -54.63 13.44
CA PRO A 122 1.20 -55.44 12.41
C PRO A 122 0.17 -55.99 11.41
N LYS A 123 0.59 -56.05 10.14
CA LYS A 123 -0.28 -56.56 9.10
C LYS A 123 -0.34 -58.07 9.07
N LYS A 124 0.56 -58.74 9.78
CA LYS A 124 0.57 -60.19 9.90
C LYS A 124 1.16 -60.60 11.25
N PHE A 125 0.69 -61.71 11.79
CA PHE A 125 1.18 -62.21 13.06
C PHE A 125 1.81 -63.57 12.86
N ASN A 126 2.89 -63.81 13.59
CA ASN A 126 3.58 -65.08 13.55
C ASN A 126 4.02 -65.43 14.97
N ILE A 127 5.04 -64.75 15.50
CA ILE A 127 5.50 -65.00 16.87
C ILE A 127 5.14 -63.82 17.76
N LEU A 128 4.55 -64.11 18.91
CA LEU A 128 4.20 -63.09 19.88
C LEU A 128 4.93 -63.38 21.18
N LYS A 129 5.27 -62.33 21.92
CA LYS A 129 5.82 -62.55 23.25
C LYS A 129 5.17 -61.57 24.20
N THR A 130 5.01 -61.98 25.45
CA THR A 130 4.38 -61.11 26.44
C THR A 130 5.33 -59.97 26.82
N ILE A 131 4.78 -58.75 26.88
CA ILE A 131 5.42 -57.64 27.56
C ILE A 131 4.70 -57.26 28.85
N SER A 132 3.55 -57.89 29.14
CA SER A 132 3.13 -58.08 30.51
C SER A 132 2.57 -59.51 30.58
N PRO A 133 2.81 -60.22 31.67
CA PRO A 133 2.50 -61.67 31.67
C PRO A 133 0.99 -61.92 31.66
N ILE A 134 0.62 -63.15 31.22
CA ILE A 134 -0.77 -63.55 31.02
C ILE A 134 -1.29 -64.18 32.29
N TYR A 135 -2.46 -63.71 32.72
CA TYR A 135 -3.15 -64.22 33.88
C TYR A 135 -4.37 -64.99 33.40
N LEU A 136 -4.57 -66.20 33.94
CA LEU A 136 -5.70 -67.00 33.51
C LEU A 136 -6.08 -67.90 34.68
N LYS A 137 -7.31 -67.81 35.15
CA LYS A 137 -7.63 -68.51 36.40
C LYS A 137 -8.91 -69.33 36.22
N THR A 138 -9.08 -70.30 37.12
CA THR A 138 -10.33 -71.05 37.17
C THR A 138 -10.60 -71.39 38.63
N MET A 139 -11.87 -71.55 38.99
CA MET A 139 -12.20 -71.79 40.39
C MET A 139 -12.27 -73.30 40.63
N ILE A 140 -11.76 -73.76 41.76
CA ILE A 140 -11.75 -75.18 42.06
C ILE A 140 -12.17 -75.41 43.51
N GLU A 141 -12.92 -76.48 43.73
CA GLU A 141 -13.33 -76.85 45.07
C GLU A 141 -12.20 -77.60 45.76
N THR A 142 -11.83 -77.19 46.97
CA THR A 142 -10.83 -77.89 47.75
C THR A 142 -11.42 -78.24 49.11
N GLU A 143 -10.66 -79.00 49.90
CA GLU A 143 -11.09 -79.28 51.28
C GLU A 143 -11.14 -78.03 52.15
N ASP A 144 -10.54 -76.93 51.69
CA ASP A 144 -10.62 -75.65 52.37
C ASP A 144 -11.62 -74.71 51.70
N GLY A 145 -12.53 -75.23 50.88
CA GLY A 145 -13.49 -74.39 50.19
C GLY A 145 -13.06 -74.04 48.78
N LEU A 146 -13.85 -73.18 48.15
CA LEU A 146 -13.59 -72.77 46.76
C LEU A 146 -12.37 -71.85 46.71
N LYS A 147 -11.43 -72.17 45.82
CA LYS A 147 -10.19 -71.40 45.71
C LYS A 147 -9.92 -71.07 44.24
N THR A 148 -9.04 -70.09 44.03
CA THR A 148 -8.64 -69.70 42.68
C THR A 148 -7.38 -70.44 42.27
N TYR A 149 -7.42 -71.13 41.12
CA TYR A 149 -6.27 -71.82 40.57
C TYR A 149 -5.77 -71.00 39.38
N ASP A 150 -4.47 -70.76 39.33
CA ASP A 150 -3.86 -69.98 38.24
C ASP A 150 -3.37 -70.95 37.16
N LEU A 151 -3.99 -70.90 35.98
CA LEU A 151 -3.57 -71.74 34.88
C LEU A 151 -2.30 -71.21 34.22
N LEU A 152 -1.37 -72.13 33.94
CA LEU A 152 -0.13 -71.90 33.20
C LEU A 152 -0.10 -72.83 31.99
N PRO A 153 0.77 -72.61 30.99
CA PRO A 153 0.73 -73.44 29.79
C PRO A 153 0.92 -74.94 30.01
N ASN A 154 1.52 -75.34 31.12
CA ASN A 154 1.62 -76.77 31.35
C ASN A 154 0.36 -77.37 31.96
N ASN A 155 -0.68 -76.56 32.24
CA ASN A 155 -1.98 -77.08 32.63
C ASN A 155 -2.81 -77.46 31.40
N SER A 156 -3.49 -78.61 31.49
CA SER A 156 -4.25 -79.09 30.34
C SER A 156 -5.37 -78.12 29.96
N LYS A 157 -5.93 -77.39 30.92
CA LYS A 157 -7.01 -76.47 30.62
C LYS A 157 -6.55 -75.14 30.03
N PHE A 158 -5.25 -74.85 30.08
CA PHE A 158 -4.79 -73.52 29.68
C PHE A 158 -5.21 -73.20 28.25
N TYR A 159 -4.99 -74.14 27.34
CA TYR A 159 -5.13 -73.87 25.91
C TYR A 159 -6.53 -73.39 25.56
N GLU A 160 -7.55 -74.21 25.87
CA GLU A 160 -8.89 -73.81 25.51
C GLU A 160 -9.38 -72.65 26.35
N ASN A 161 -8.94 -72.56 27.61
CA ASN A 161 -9.40 -71.44 28.43
C ASN A 161 -8.86 -70.10 27.91
N LEU A 162 -7.62 -70.09 27.42
CA LEU A 162 -7.08 -68.87 26.80
C LEU A 162 -7.88 -68.49 25.54
N LYS A 163 -8.17 -69.49 24.69
CA LYS A 163 -8.96 -69.20 23.49
C LYS A 163 -10.37 -68.71 23.84
N ASN A 164 -11.04 -69.40 24.76
CA ASN A 164 -12.41 -69.04 25.08
C ASN A 164 -12.49 -67.71 25.79
N ASN A 165 -11.49 -67.38 26.60
CA ASN A 165 -11.46 -66.05 27.16
C ASN A 165 -11.44 -65.01 26.04
N LEU A 166 -10.57 -65.21 25.02
CA LEU A 166 -10.47 -64.20 23.97
C LEU A 166 -11.78 -64.09 23.20
N LYS A 167 -12.40 -65.23 22.88
CA LYS A 167 -13.65 -65.19 22.12
C LYS A 167 -14.77 -64.52 22.93
N LYS A 168 -14.85 -64.82 24.23
CA LYS A 168 -15.87 -64.17 25.05
C LYS A 168 -15.64 -62.67 25.16
N LYS A 169 -14.39 -62.25 25.33
CA LYS A 169 -14.06 -60.82 25.37
C LYS A 169 -14.38 -60.14 24.07
N TYR A 170 -14.10 -60.82 22.94
CA TYR A 170 -14.46 -60.28 21.63
C TYR A 170 -15.97 -59.98 21.58
N GLU A 171 -16.78 -60.95 21.99
CA GLU A 171 -18.23 -60.72 21.94
C GLU A 171 -18.65 -59.63 22.93
N ALA A 172 -17.99 -59.57 24.10
CA ALA A 172 -18.36 -58.56 25.09
C ALA A 172 -18.00 -57.16 24.60
N PHE A 173 -16.87 -57.03 23.87
CA PHE A 173 -16.47 -55.70 23.40
C PHE A 173 -17.26 -55.27 22.18
N TYR A 174 -17.40 -56.16 21.18
CA TYR A 174 -18.02 -55.78 19.92
C TYR A 174 -19.53 -55.95 19.91
N ASN A 175 -20.09 -56.69 20.88
CA ASN A 175 -21.51 -57.03 20.86
C ASN A 175 -21.89 -57.63 19.51
N GLU A 176 -21.08 -58.58 19.05
CA GLU A 176 -21.30 -59.33 17.83
C GLU A 176 -20.76 -60.72 18.08
N LYS A 177 -21.27 -61.68 17.30
CA LYS A 177 -20.81 -63.06 17.45
C LYS A 177 -19.35 -63.17 17.03
N CYS A 178 -18.59 -63.96 17.78
CA CYS A 178 -17.22 -64.27 17.39
C CYS A 178 -17.29 -65.57 16.60
N ASP A 179 -17.36 -65.44 15.29
CA ASP A 179 -17.35 -66.55 14.35
C ASP A 179 -15.94 -66.87 13.88
N MET A 180 -14.94 -66.62 14.72
CA MET A 180 -13.56 -66.78 14.31
C MET A 180 -12.86 -67.73 15.27
N ASN A 181 -11.67 -68.14 14.85
CA ASN A 181 -10.89 -69.07 15.64
C ASN A 181 -9.42 -68.75 15.45
N PHE A 182 -8.62 -69.18 16.41
CA PHE A 182 -7.17 -69.16 16.23
C PHE A 182 -6.60 -70.33 16.99
N GLU A 183 -5.31 -70.60 16.73
CA GLU A 183 -4.56 -71.64 17.43
C GLU A 183 -3.17 -71.08 17.75
N PHE A 184 -2.45 -71.78 18.61
CA PHE A 184 -1.14 -71.31 18.97
C PHE A 184 -0.26 -72.44 19.44
N GLU A 185 1.04 -72.17 19.47
CA GLU A 185 2.01 -73.12 19.97
C GLU A 185 2.94 -72.35 20.89
N VAL A 186 3.03 -72.79 22.14
CA VAL A 186 3.89 -72.16 23.12
C VAL A 186 5.32 -72.58 22.83
N LEU A 187 6.19 -71.60 22.61
CA LEU A 187 7.60 -71.90 22.37
C LEU A 187 8.38 -71.87 23.67
N LYS A 188 7.98 -71.02 24.61
CA LYS A 188 8.72 -70.89 25.85
C LYS A 188 7.82 -70.21 26.87
N PHE A 189 7.93 -70.62 28.14
CA PHE A 189 7.19 -69.89 29.18
C PHE A 189 7.93 -70.00 30.51
N ARG A 190 7.73 -68.99 31.35
CA ARG A 190 8.29 -68.91 32.69
C ARG A 190 7.17 -68.41 33.59
N PRO A 191 6.91 -69.06 34.73
CA PRO A 191 5.92 -68.50 35.64
C PRO A 191 6.47 -67.29 36.37
N LYS A 192 5.60 -66.33 36.66
CA LYS A 192 5.98 -65.10 37.35
C LYS A 192 5.00 -64.85 38.48
N ARG A 193 5.50 -64.54 39.67
CA ARG A 193 4.63 -64.26 40.81
C ARG A 193 4.30 -62.77 40.84
N MET A 194 3.00 -62.44 40.80
CA MET A 194 2.56 -61.05 40.60
C MET A 194 1.54 -60.72 41.67
N ARG A 195 1.77 -59.62 42.39
CA ARG A 195 0.79 -59.13 43.34
C ARG A 195 -0.40 -58.51 42.61
N ILE A 196 -1.62 -58.86 43.02
CA ILE A 196 -2.82 -58.32 42.37
C ILE A 196 -3.75 -57.63 43.35
N LYS A 197 -3.57 -57.83 44.64
CA LYS A 197 -4.40 -57.20 45.67
C LYS A 197 -3.49 -57.03 46.87
N ASN A 198 -3.92 -56.21 47.82
CA ASN A 198 -3.09 -55.95 48.98
C ASN A 198 -2.47 -57.24 49.51
N ASP A 199 -3.18 -58.36 49.42
CA ASP A 199 -2.60 -59.58 49.94
C ASP A 199 -2.63 -60.77 48.99
N ILE A 200 -3.03 -60.62 47.74
CA ILE A 200 -3.15 -61.78 46.86
C ILE A 200 -2.04 -61.75 45.82
N TYR A 201 -1.31 -62.85 45.73
CA TYR A 201 -0.31 -63.05 44.69
C TYR A 201 -0.78 -64.16 43.76
N CYS A 202 -0.57 -63.99 42.48
CA CYS A 202 -0.96 -64.99 41.51
C CYS A 202 0.25 -65.43 40.73
N ARG A 203 0.10 -66.55 40.02
CA ARG A 203 1.12 -67.02 39.08
C ARG A 203 0.63 -66.71 37.67
N CYS A 204 1.46 -65.97 36.91
CA CYS A 204 1.16 -65.53 35.55
C CYS A 204 2.22 -66.11 34.62
N SER A 205 1.98 -66.05 33.32
CA SER A 205 2.91 -66.66 32.36
C SER A 205 3.62 -65.58 31.56
N GLU A 206 4.95 -65.52 31.67
CA GLU A 206 5.77 -64.84 30.66
C GLU A 206 5.98 -65.84 29.54
N MET A 207 5.59 -65.49 28.31
CA MET A 207 5.68 -66.55 27.31
C MET A 207 5.87 -66.02 25.90
N VAL A 208 6.39 -66.91 25.06
CA VAL A 208 6.60 -66.70 23.64
C VAL A 208 5.82 -67.79 22.92
N PHE A 209 5.04 -67.40 21.91
CA PHE A 209 4.17 -68.37 21.25
C PHE A 209 3.93 -67.98 19.80
N LYS A 210 3.75 -69.00 18.96
CA LYS A 210 3.37 -68.82 17.57
C LYS A 210 1.85 -68.85 17.48
N VAL A 211 1.28 -68.06 16.57
CA VAL A 211 -0.17 -68.04 16.39
C VAL A 211 -0.52 -68.24 14.93
N TRP A 212 -1.71 -68.79 14.70
CA TRP A 212 -2.25 -68.86 13.35
C TRP A 212 -3.78 -68.91 13.48
N GLY A 213 -4.45 -68.68 12.36
CA GLY A 213 -5.91 -68.62 12.35
C GLY A 213 -6.40 -67.29 11.82
N ASP A 214 -7.54 -66.85 12.36
CA ASP A 214 -8.20 -65.66 11.83
C ASP A 214 -7.50 -64.40 12.32
N TYR A 215 -7.01 -63.60 11.37
CA TYR A 215 -6.27 -62.39 11.69
C TYR A 215 -7.08 -61.45 12.59
N ASP A 216 -8.36 -61.24 12.30
CA ASP A 216 -9.12 -60.25 13.09
C ASP A 216 -9.25 -60.66 14.56
N LEU A 217 -9.33 -61.95 14.84
CA LEU A 217 -9.38 -62.38 16.23
C LEU A 217 -8.02 -62.24 16.92
N ILE A 218 -6.96 -62.65 16.23
CA ILE A 218 -5.61 -62.47 16.82
C ILE A 218 -5.34 -61.00 17.07
N LYS A 219 -5.75 -60.12 16.13
CA LYS A 219 -5.57 -58.68 16.25
C LYS A 219 -6.32 -58.13 17.46
N PHE A 220 -7.51 -58.68 17.73
CA PHE A 220 -8.20 -58.29 18.97
C PHE A 220 -7.39 -58.68 20.21
N GLY A 221 -6.85 -59.90 20.25
CA GLY A 221 -5.98 -60.23 21.39
C GLY A 221 -4.74 -59.35 21.46
N TYR A 222 -4.20 -58.97 20.29
CA TYR A 222 -3.03 -58.11 20.25
C TYR A 222 -3.32 -56.75 20.88
N GLU A 223 -4.50 -56.18 20.64
CA GLU A 223 -4.72 -54.84 21.20
C GLU A 223 -5.50 -54.85 22.53
N CYS A 224 -6.26 -55.87 22.83
CA CYS A 224 -6.99 -55.95 24.10
C CYS A 224 -6.18 -56.65 25.18
N GLY A 225 -5.26 -57.52 24.79
CA GLY A 225 -4.53 -58.38 25.70
C GLY A 225 -5.10 -59.79 25.66
N PHE A 226 -4.25 -60.76 26.00
CA PHE A 226 -4.63 -62.15 26.18
C PHE A 226 -4.92 -62.41 27.65
N GLY A 227 -5.79 -63.39 27.92
CA GLY A 227 -6.03 -63.70 29.33
C GLY A 227 -6.87 -62.65 30.04
N GLU A 228 -6.83 -62.69 31.37
CA GLU A 228 -7.71 -61.89 32.21
C GLU A 228 -6.97 -60.71 32.84
N LYS A 229 -7.75 -59.84 33.50
CA LYS A 229 -7.23 -58.64 34.18
C LYS A 229 -6.42 -57.75 33.23
N ASN A 230 -6.86 -57.69 31.97
CA ASN A 230 -6.12 -56.83 31.02
C ASN A 230 -6.00 -55.40 31.53
N SER A 231 -7.10 -54.85 32.08
CA SER A 231 -7.13 -53.44 32.42
C SER A 231 -6.32 -53.13 33.67
N MET A 232 -5.82 -54.15 34.37
CA MET A 232 -4.86 -54.00 35.46
C MET A 232 -3.41 -54.22 34.98
N GLY A 233 -3.20 -54.34 33.67
CA GLY A 233 -1.87 -54.39 33.09
C GLY A 233 -1.35 -55.77 32.79
N PHE A 234 -2.24 -56.73 32.48
CA PHE A 234 -1.83 -58.10 32.23
C PHE A 234 -2.12 -58.52 30.81
N GLY A 235 -1.24 -59.37 30.28
CA GLY A 235 -1.55 -60.10 29.04
C GLY A 235 -1.20 -59.37 27.76
N MET A 236 -0.44 -58.27 27.84
CA MET A 236 -0.06 -57.53 26.62
C MET A 236 1.09 -58.24 25.90
N VAL A 237 0.97 -58.37 24.57
CA VAL A 237 1.99 -59.05 23.79
C VAL A 237 2.54 -58.08 22.74
N VAL A 238 3.65 -58.49 22.13
CA VAL A 238 4.24 -57.72 21.03
C VAL A 238 4.70 -58.71 19.99
N ASN A 239 4.69 -58.27 18.73
CA ASN A 239 5.17 -59.16 17.68
C ASN A 239 6.70 -59.26 17.76
N VAL A 240 7.22 -60.44 17.44
CA VAL A 240 8.65 -60.68 17.40
C VAL A 240 9.06 -60.79 15.94
N GLU A 241 10.00 -59.95 15.53
CA GLU A 241 10.35 -59.86 14.11
C GLU A 241 11.07 -61.11 13.64
N ASP A 242 10.79 -61.52 12.41
CA ASP A 242 11.27 -62.79 11.86
C ASP A 242 12.78 -62.82 11.63
N GLU B 3 -10.52 -30.28 21.22
CA GLU B 3 -9.28 -31.04 21.35
C GLU B 3 -8.34 -30.86 20.15
N SER B 4 -7.16 -30.31 20.37
CA SER B 4 -6.14 -30.12 19.33
C SER B 4 -5.20 -31.33 19.27
N MET B 5 -4.30 -31.33 18.30
CA MET B 5 -3.27 -32.36 18.28
C MET B 5 -2.05 -31.84 17.51
N ARG B 6 -0.86 -32.12 18.04
CA ARG B 6 0.41 -31.87 17.36
C ARG B 6 1.18 -33.18 17.29
N ILE B 7 1.72 -33.48 16.12
CA ILE B 7 2.47 -34.71 15.89
C ILE B 7 3.82 -34.38 15.28
N GLU B 8 4.82 -35.14 15.71
CA GLU B 8 6.16 -35.17 15.14
C GLU B 8 6.24 -36.39 14.23
N LEU B 9 6.43 -36.14 12.94
CA LEU B 9 6.62 -37.17 11.94
C LEU B 9 8.11 -37.34 11.70
N GLU B 10 8.61 -38.55 11.91
CA GLU B 10 10.00 -38.87 11.59
C GLU B 10 10.06 -39.52 10.21
N LEU B 11 10.75 -38.85 9.28
CA LEU B 11 10.88 -39.27 7.91
C LEU B 11 12.29 -39.78 7.71
N GLN B 12 12.46 -40.71 6.78
CA GLN B 12 13.79 -41.26 6.58
C GLN B 12 14.00 -41.48 5.09
N THR B 13 15.11 -40.94 4.57
CA THR B 13 15.53 -41.16 3.20
C THR B 13 16.95 -41.74 3.25
N ASP B 14 17.62 -41.81 2.10
CA ASP B 14 18.98 -42.34 2.06
C ASP B 14 19.94 -41.47 2.87
N ASN B 15 20.92 -42.10 3.53
CA ASN B 15 21.97 -41.33 4.18
C ASN B 15 22.64 -40.39 3.17
N PHE B 16 23.06 -39.22 3.66
CA PHE B 16 23.79 -38.19 2.91
C PHE B 16 22.94 -37.44 1.89
N THR B 17 21.62 -37.56 1.95
CA THR B 17 20.75 -36.83 1.04
C THR B 17 20.73 -35.35 1.44
N VAL B 18 20.72 -34.46 0.45
CA VAL B 18 20.61 -33.03 0.71
C VAL B 18 19.15 -32.60 0.56
N ILE B 19 18.61 -31.97 1.59
CA ILE B 19 17.27 -31.38 1.53
C ILE B 19 17.44 -29.92 1.09
N PRO B 20 16.99 -29.55 -0.10
CA PRO B 20 17.25 -28.20 -0.63
C PRO B 20 16.69 -27.10 0.27
N TYR B 21 17.39 -25.96 0.30
CA TYR B 21 16.91 -24.83 1.10
C TYR B 21 15.51 -24.39 0.69
N ASN B 22 15.16 -24.57 -0.58
CA ASN B 22 13.87 -24.13 -1.10
C ASN B 22 12.82 -25.26 -1.05
N HIS B 23 12.98 -26.23 -0.14
CA HIS B 23 12.09 -27.38 -0.12
C HIS B 23 10.65 -27.08 0.28
N GLN B 24 10.38 -25.95 0.94
CA GLN B 24 9.07 -25.77 1.55
C GLN B 24 7.96 -25.85 0.50
N TYR B 25 8.15 -25.22 -0.65
CA TYR B 25 7.13 -25.22 -1.70
C TYR B 25 6.76 -26.64 -2.15
N TYR B 26 7.77 -27.49 -2.32
CA TYR B 26 7.54 -28.87 -2.72
C TYR B 26 6.95 -29.70 -1.58
N LEU B 27 7.33 -29.39 -0.33
CA LEU B 27 6.69 -30.04 0.80
C LEU B 27 5.20 -29.71 0.87
N ALA B 28 4.88 -28.42 0.71
CA ALA B 28 3.48 -27.98 0.74
C ALA B 28 2.66 -28.67 -0.35
N SER B 29 3.22 -28.75 -1.55
CA SER B 29 2.57 -29.50 -2.61
C SER B 29 2.37 -30.98 -2.23
N ALA B 30 3.41 -31.63 -1.66
CA ALA B 30 3.28 -33.06 -1.33
C ALA B 30 2.19 -33.28 -0.30
N ILE B 31 2.11 -32.40 0.70
CA ILE B 31 1.10 -32.53 1.74
C ILE B 31 -0.28 -32.34 1.14
N TYR B 32 -0.44 -31.29 0.33
CA TYR B 32 -1.73 -31.08 -0.35
C TYR B 32 -2.14 -32.32 -1.13
N ASN B 33 -1.21 -32.91 -1.88
CA ASN B 33 -1.52 -34.06 -2.72
C ASN B 33 -1.90 -35.29 -1.90
N LYS B 34 -1.27 -35.46 -0.73
CA LYS B 34 -1.70 -36.54 0.17
C LYS B 34 -3.12 -36.31 0.65
N ILE B 35 -3.41 -35.10 1.14
CA ILE B 35 -4.72 -34.82 1.70
C ILE B 35 -5.82 -35.07 0.69
N HIS B 36 -5.57 -34.72 -0.58
CA HIS B 36 -6.56 -34.82 -1.63
C HIS B 36 -6.42 -36.09 -2.48
N SER B 37 -5.70 -37.08 -1.97
CA SER B 37 -5.44 -38.30 -2.74
C SER B 37 -6.67 -39.21 -2.80
N ALA B 38 -6.81 -39.92 -3.92
CA ALA B 38 -7.81 -40.97 -4.07
C ALA B 38 -7.38 -42.29 -3.46
N ASN B 39 -6.11 -42.43 -3.12
CA ASN B 39 -5.60 -43.60 -2.41
C ASN B 39 -6.48 -43.89 -1.20
N PRO B 40 -6.93 -45.14 -1.02
CA PRO B 40 -7.80 -45.48 0.12
C PRO B 40 -7.20 -45.21 1.48
N ALA B 41 -5.87 -45.12 1.59
CA ALA B 41 -5.27 -44.73 2.86
C ALA B 41 -5.79 -43.37 3.32
N TYR B 42 -6.16 -42.50 2.39
CA TYR B 42 -6.65 -41.16 2.70
C TYR B 42 -8.13 -40.95 2.40
N ALA B 43 -8.69 -41.65 1.40
CA ALA B 43 -9.96 -41.24 0.80
C ALA B 43 -11.08 -41.16 1.83
N LYS B 44 -11.37 -42.25 2.53
CA LYS B 44 -12.43 -42.21 3.54
C LYS B 44 -12.03 -41.35 4.73
N ARG B 45 -10.77 -41.46 5.17
CA ARG B 45 -10.36 -40.77 6.39
C ARG B 45 -10.50 -39.27 6.26
N LEU B 46 -10.25 -38.72 5.07
CA LEU B 46 -10.18 -37.28 4.92
C LEU B 46 -11.34 -36.72 4.06
N HIS B 47 -12.37 -37.54 3.84
CA HIS B 47 -13.50 -37.14 3.00
C HIS B 47 -14.11 -35.81 3.45
N ASN B 48 -14.19 -35.59 4.75
CA ASN B 48 -14.76 -34.38 5.31
C ASN B 48 -13.75 -33.23 5.42
N TYR B 49 -12.51 -33.38 4.93
CA TYR B 49 -11.48 -32.38 5.17
C TYR B 49 -10.86 -31.86 3.88
N GLN B 50 -11.55 -32.02 2.74
CA GLN B 50 -10.98 -31.59 1.47
C GLN B 50 -10.83 -30.08 1.38
N LYS B 51 -11.61 -29.31 2.14
CA LYS B 51 -11.46 -27.86 2.16
C LYS B 51 -11.07 -27.33 3.55
N PHE B 52 -10.59 -28.22 4.42
CA PHE B 52 -10.23 -27.83 5.77
C PHE B 52 -8.89 -27.10 5.79
N LYS B 53 -8.86 -25.91 6.36
CA LYS B 53 -7.65 -25.10 6.33
C LYS B 53 -7.13 -24.67 7.70
N PHE B 54 -7.69 -25.20 8.81
CA PHE B 54 -7.23 -24.80 10.14
C PHE B 54 -6.18 -25.78 10.67
N PHE B 55 -5.04 -25.80 9.99
CA PHE B 55 -3.90 -26.62 10.43
C PHE B 55 -2.62 -25.98 9.89
N THR B 56 -1.47 -26.39 10.45
CA THR B 56 -0.20 -25.87 9.97
C THR B 56 0.82 -27.00 10.02
N PHE B 57 1.96 -26.77 9.39
CA PHE B 57 3.08 -27.70 9.51
C PHE B 57 4.37 -26.94 9.35
N SER B 58 5.45 -27.59 9.76
CA SER B 58 6.75 -26.93 9.86
C SER B 58 7.54 -27.11 8.55
N LEU B 59 8.68 -26.42 8.46
CA LEU B 59 9.73 -26.84 7.54
C LEU B 59 10.28 -28.20 7.95
N LEU B 60 10.98 -28.88 7.03
CA LEU B 60 11.71 -30.11 7.38
C LEU B 60 12.89 -29.76 8.26
N GLN B 61 13.05 -30.47 9.37
CA GLN B 61 14.17 -30.23 10.27
C GLN B 61 15.14 -31.39 10.24
N ILE B 62 16.44 -31.09 10.19
CA ILE B 62 17.48 -32.12 10.16
C ILE B 62 18.32 -31.98 11.42
N ARG B 63 18.48 -33.07 12.16
CA ARG B 63 19.22 -32.99 13.41
C ARG B 63 20.69 -33.33 13.25
N LYS B 64 20.99 -34.42 12.55
CA LYS B 64 22.37 -34.85 12.29
C LYS B 64 22.71 -34.33 10.90
N ARG B 65 23.23 -33.11 10.84
CA ARG B 65 23.20 -32.28 9.65
C ARG B 65 24.60 -31.85 9.21
N VAL B 66 24.69 -31.54 7.92
CA VAL B 66 25.84 -30.82 7.37
C VAL B 66 25.30 -29.66 6.54
N ILE B 67 25.78 -28.45 6.82
CA ILE B 67 25.37 -27.30 6.02
C ILE B 67 26.06 -27.36 4.67
N ARG B 68 25.28 -27.35 3.60
CA ARG B 68 25.81 -27.40 2.25
C ARG B 68 25.37 -26.19 1.45
N LYS B 69 25.91 -26.08 0.24
CA LYS B 69 25.63 -24.93 -0.62
C LYS B 69 24.15 -24.88 -1.00
N GLU B 70 23.59 -26.02 -1.40
CA GLU B 70 22.23 -26.13 -1.93
C GLU B 70 21.18 -26.50 -0.87
N GLY B 71 21.58 -26.92 0.32
CA GLY B 71 20.61 -27.31 1.32
C GLY B 71 21.31 -27.90 2.52
N ILE B 72 20.55 -28.67 3.30
CA ILE B 72 21.06 -29.30 4.50
C ILE B 72 21.15 -30.79 4.21
N GLU B 73 22.35 -31.35 4.37
CA GLU B 73 22.56 -32.78 4.21
C GLU B 73 22.15 -33.48 5.49
N THR B 74 21.38 -34.57 5.38
CA THR B 74 21.07 -35.40 6.52
C THR B 74 22.00 -36.62 6.54
N ILE B 75 22.81 -36.71 7.58
CA ILE B 75 23.83 -37.76 7.68
C ILE B 75 23.18 -39.12 7.85
N ASP B 76 22.17 -39.23 8.71
CA ASP B 76 21.52 -40.51 8.97
C ASP B 76 20.24 -40.68 8.14
N GLY B 77 19.97 -39.77 7.21
CA GLY B 77 18.81 -39.88 6.35
C GLY B 77 17.51 -39.42 6.99
N LYS B 78 17.53 -39.09 8.28
CA LYS B 78 16.30 -38.67 8.97
C LYS B 78 16.01 -37.18 8.80
N ALA B 79 14.71 -36.86 8.77
CA ALA B 79 14.22 -35.50 8.80
C ALA B 79 12.93 -35.50 9.63
N TYR B 80 12.57 -34.34 10.18
CA TYR B 80 11.45 -34.26 11.11
C TYR B 80 10.46 -33.21 10.64
N LEU B 81 9.20 -33.57 10.64
CA LEU B 81 8.12 -32.71 10.18
C LEU B 81 7.09 -32.62 11.30
N TYR B 82 6.75 -31.40 11.73
CA TYR B 82 5.73 -31.20 12.75
C TYR B 82 4.43 -30.75 12.09
N ILE B 83 3.32 -31.28 12.55
CA ILE B 83 2.03 -30.92 11.98
C ILE B 83 1.05 -30.75 13.14
N SER B 84 0.16 -29.76 13.01
CA SER B 84 -0.69 -29.40 14.14
C SER B 84 -2.04 -28.89 13.67
N SER B 85 -3.07 -29.10 14.49
CA SER B 85 -4.38 -28.49 14.22
C SER B 85 -5.18 -28.37 15.52
N PRO B 86 -6.01 -27.34 15.66
CA PRO B 86 -7.04 -27.36 16.74
C PRO B 86 -8.09 -28.43 16.51
N ASN B 87 -8.10 -29.08 15.36
CA ASN B 87 -9.03 -30.18 15.10
C ASN B 87 -8.24 -31.48 15.21
N ASN B 88 -8.40 -32.19 16.33
CA ASN B 88 -7.57 -33.36 16.53
C ASN B 88 -7.96 -34.49 15.60
N GLU B 89 -9.24 -34.56 15.17
CA GLU B 89 -9.66 -35.62 14.27
C GLU B 89 -8.99 -35.50 12.89
N PHE B 90 -8.80 -34.28 12.41
CA PHE B 90 -8.06 -34.10 11.17
C PHE B 90 -6.66 -34.72 11.27
N ILE B 91 -5.93 -34.36 12.33
CA ILE B 91 -4.55 -34.82 12.51
C ILE B 91 -4.51 -36.34 12.69
N GLU B 92 -5.42 -36.88 13.51
CA GLU B 92 -5.47 -38.33 13.70
C GLU B 92 -5.69 -39.06 12.38
N ASN B 93 -6.68 -38.61 11.59
CA ASN B 93 -6.97 -39.29 10.33
C ASN B 93 -5.84 -39.12 9.31
N PHE B 94 -5.30 -37.91 9.18
CA PHE B 94 -4.23 -37.66 8.21
C PHE B 94 -2.98 -38.47 8.56
N VAL B 95 -2.60 -38.47 9.83
CA VAL B 95 -1.40 -39.23 10.21
C VAL B 95 -1.63 -40.74 10.06
N ALA B 96 -2.84 -41.23 10.38
CA ALA B 96 -3.11 -42.65 10.16
C ALA B 96 -2.94 -43.01 8.68
N GLY B 97 -3.40 -42.13 7.79
CA GLY B 97 -3.17 -42.35 6.37
C GLY B 97 -1.70 -42.28 5.97
N LEU B 98 -0.95 -41.28 6.50
CA LEU B 98 0.47 -41.17 6.18
C LEU B 98 1.22 -42.42 6.61
N LEU B 99 0.88 -42.96 7.79
CA LEU B 99 1.52 -44.17 8.28
C LEU B 99 1.13 -45.37 7.44
N GLU B 100 -0.13 -45.47 7.04
CA GLU B 100 -0.53 -46.61 6.20
C GLU B 100 0.12 -46.55 4.83
N ASP B 101 0.07 -45.39 4.18
CA ASP B 101 0.77 -45.15 2.93
C ASP B 101 2.27 -45.40 3.09
N GLY B 102 2.91 -44.68 4.01
CA GLY B 102 4.29 -44.96 4.37
C GLY B 102 5.33 -44.22 3.56
N LYS B 103 4.94 -43.51 2.52
CA LYS B 103 5.90 -42.85 1.65
C LYS B 103 5.48 -41.41 1.44
N LEU B 104 6.47 -40.51 1.41
CA LEU B 104 6.22 -39.10 1.13
C LEU B 104 7.37 -38.59 0.27
N ARG B 105 7.05 -38.13 -0.93
CA ARG B 105 8.05 -37.60 -1.85
C ARG B 105 8.01 -36.09 -1.77
N VAL B 106 9.16 -35.47 -1.48
CA VAL B 106 9.27 -34.00 -1.43
C VAL B 106 10.28 -33.61 -2.50
N GLY B 107 9.80 -32.99 -3.57
CA GLY B 107 10.68 -32.65 -4.67
C GLY B 107 11.24 -33.94 -5.25
N ASN B 108 12.55 -34.10 -5.22
CA ASN B 108 13.17 -35.33 -5.73
C ASN B 108 13.55 -36.31 -4.63
N VAL B 109 13.23 -36.00 -3.38
CA VAL B 109 13.67 -36.81 -2.24
C VAL B 109 12.51 -37.70 -1.82
N GLU B 110 12.74 -39.01 -1.75
CA GLU B 110 11.72 -39.95 -1.33
C GLU B 110 11.94 -40.31 0.13
N PHE B 111 10.95 -40.08 0.98
CA PHE B 111 11.03 -40.43 2.39
C PHE B 111 10.12 -41.60 2.71
N PHE B 112 10.58 -42.44 3.63
CA PHE B 112 9.72 -43.33 4.36
C PHE B 112 9.16 -42.59 5.58
N VAL B 113 7.86 -42.74 5.82
CA VAL B 113 7.24 -42.18 7.02
C VAL B 113 7.46 -43.25 8.09
N ARG B 114 8.47 -43.02 8.93
CA ARG B 114 8.95 -44.02 9.89
C ARG B 114 8.19 -43.99 11.20
N LYS B 115 8.00 -42.80 11.76
CA LYS B 115 7.41 -42.74 13.10
C LYS B 115 6.50 -41.54 13.20
N ALA B 116 5.53 -41.63 14.11
CA ALA B 116 4.63 -40.52 14.43
C ALA B 116 4.47 -40.44 15.95
N LYS B 117 4.80 -39.29 16.55
CA LYS B 117 4.70 -39.12 17.98
C LYS B 117 3.76 -37.96 18.34
N ILE B 118 2.82 -38.21 19.24
CA ILE B 118 1.90 -37.18 19.71
C ILE B 118 2.62 -36.38 20.78
N LEU B 119 2.54 -35.03 20.68
CA LEU B 119 3.34 -34.15 21.53
C LEU B 119 2.46 -33.38 22.53
N PRO B 120 2.98 -33.12 23.73
CA PRO B 120 2.26 -32.30 24.70
C PRO B 120 2.21 -30.83 24.28
N ILE B 121 1.16 -30.13 24.70
CA ILE B 121 1.02 -28.67 24.57
C ILE B 121 1.64 -28.02 25.80
N PRO B 122 2.39 -26.93 25.68
CA PRO B 122 2.85 -26.23 26.90
C PRO B 122 1.67 -25.79 27.76
N LYS B 123 1.81 -25.92 29.08
CA LYS B 123 0.72 -25.46 29.93
C LYS B 123 0.78 -23.95 30.16
N LYS B 124 1.90 -23.32 29.82
CA LYS B 124 2.01 -21.87 29.85
C LYS B 124 2.95 -21.49 28.72
N PHE B 125 2.72 -20.31 28.14
CA PHE B 125 3.53 -19.82 27.03
C PHE B 125 4.36 -18.62 27.47
N ASN B 126 5.56 -18.53 26.95
CA ASN B 126 6.42 -17.39 27.25
C ASN B 126 7.08 -16.91 25.96
N ILE B 127 8.09 -17.63 25.47
CA ILE B 127 8.76 -17.30 24.23
C ILE B 127 8.38 -18.34 23.17
N LEU B 128 8.02 -17.85 21.98
CA LEU B 128 7.67 -18.68 20.84
C LEU B 128 8.65 -18.39 19.73
N LYS B 129 8.98 -19.41 18.93
CA LYS B 129 9.77 -19.19 17.73
C LYS B 129 9.14 -19.95 16.57
N THR B 130 9.25 -19.39 15.37
CA THR B 130 8.66 -20.03 14.19
C THR B 130 9.47 -21.26 13.82
N ILE B 131 8.77 -22.35 13.48
CA ILE B 131 9.40 -23.46 12.78
C ILE B 131 8.91 -23.58 11.35
N SER B 132 7.91 -22.79 10.97
CA SER B 132 7.72 -22.35 9.58
C SER B 132 7.39 -20.86 9.66
N PRO B 133 7.87 -20.05 8.72
CA PRO B 133 7.78 -18.58 8.89
C PRO B 133 6.35 -18.07 8.74
N ILE B 134 6.12 -16.88 9.32
CA ILE B 134 4.79 -16.28 9.37
C ILE B 134 4.55 -15.43 8.11
N TYR B 135 3.42 -15.65 7.46
CA TYR B 135 3.03 -14.92 6.27
C TYR B 135 1.84 -14.05 6.63
N LEU B 136 1.91 -12.78 6.25
CA LEU B 136 0.85 -11.81 6.59
C LEU B 136 0.85 -10.78 5.47
N LYS B 137 -0.31 -10.58 4.84
CA LYS B 137 -0.39 -9.74 3.66
C LYS B 137 -1.56 -8.78 3.77
N THR B 138 -1.53 -7.75 2.94
CA THR B 138 -2.67 -6.87 2.77
C THR B 138 -2.68 -6.40 1.32
N MET B 139 -3.86 -6.08 0.81
CA MET B 139 -3.96 -5.69 -0.59
C MET B 139 -3.88 -4.17 -0.69
N ILE B 140 -3.17 -3.69 -1.70
CA ILE B 140 -2.94 -2.25 -1.85
C ILE B 140 -3.15 -1.86 -3.30
N GLU B 141 -3.76 -0.71 -3.51
CA GLU B 141 -3.93 -0.16 -4.85
C GLU B 141 -2.64 0.50 -5.31
N THR B 142 -2.17 0.16 -6.49
CA THR B 142 -1.01 0.79 -7.08
C THR B 142 -1.39 1.32 -8.45
N GLU B 143 -0.47 2.06 -9.07
CA GLU B 143 -0.68 2.50 -10.44
C GLU B 143 -0.78 1.34 -11.40
N ASP B 144 -0.32 0.17 -10.97
CA ASP B 144 -0.39 -1.05 -11.76
C ASP B 144 -1.54 -1.95 -11.31
N GLY B 145 -2.51 -1.41 -10.58
CA GLY B 145 -3.65 -2.17 -10.11
C GLY B 145 -3.49 -2.67 -8.69
N LEU B 146 -4.45 -3.51 -8.28
CA LEU B 146 -4.40 -4.08 -6.94
C LEU B 146 -3.26 -5.09 -6.84
N LYS B 147 -2.43 -4.95 -5.80
CA LYS B 147 -1.28 -5.82 -5.59
C LYS B 147 -1.22 -6.28 -4.15
N THR B 148 -0.45 -7.33 -3.91
CA THR B 148 -0.27 -7.88 -2.57
C THR B 148 0.99 -7.34 -1.90
N TYR B 149 0.84 -6.78 -0.69
CA TYR B 149 1.94 -6.30 0.11
C TYR B 149 2.18 -7.28 1.26
N ASP B 150 3.43 -7.67 1.48
CA ASP B 150 3.79 -8.62 2.53
C ASP B 150 4.21 -7.87 3.79
N LEU B 151 3.42 -8.00 4.87
CA LEU B 151 3.76 -7.35 6.12
C LEU B 151 4.85 -8.12 6.87
N LEU B 152 5.81 -7.40 7.38
CA LEU B 152 6.89 -7.91 8.22
C LEU B 152 6.83 -7.14 9.54
N PRO B 153 7.52 -7.59 10.58
CA PRO B 153 7.39 -6.92 11.89
C PRO B 153 7.80 -5.44 11.86
N ASN B 154 8.60 -4.99 10.89
CA ASN B 154 8.94 -3.57 10.83
C ASN B 154 7.88 -2.72 10.12
N ASN B 155 6.81 -3.31 9.59
CA ASN B 155 5.67 -2.54 9.12
C ASN B 155 4.76 -2.20 10.29
N SER B 156 4.24 -0.97 10.30
CA SER B 156 3.40 -0.54 11.40
C SER B 156 2.14 -1.37 11.52
N LYS B 157 1.62 -1.88 10.41
CA LYS B 157 0.38 -2.65 10.46
C LYS B 157 0.59 -4.10 10.92
N PHE B 158 1.84 -4.56 11.06
CA PHE B 158 2.09 -5.98 11.35
C PHE B 158 1.44 -6.42 12.65
N TYR B 159 1.66 -5.65 13.73
CA TYR B 159 1.23 -6.05 15.07
C TYR B 159 -0.27 -6.33 15.13
N GLU B 160 -1.08 -5.33 14.79
CA GLU B 160 -2.52 -5.52 14.89
C GLU B 160 -3.04 -6.47 13.82
N ASN B 161 -2.42 -6.49 12.64
CA ASN B 161 -2.90 -7.44 11.62
C ASN B 161 -2.67 -8.88 12.06
N LEU B 162 -1.54 -9.16 12.71
CA LEU B 162 -1.29 -10.52 13.21
C LEU B 162 -2.30 -10.88 14.29
N LYS B 163 -2.52 -9.96 15.25
CA LYS B 163 -3.49 -10.23 16.30
C LYS B 163 -4.89 -10.46 15.71
N ASN B 164 -5.31 -9.60 14.78
CA ASN B 164 -6.66 -9.69 14.24
C ASN B 164 -6.83 -10.92 13.37
N ASN B 165 -5.77 -11.34 12.66
CA ASN B 165 -5.84 -12.60 11.94
C ASN B 165 -6.10 -13.75 12.91
N LEU B 166 -5.38 -13.78 14.03
CA LEU B 166 -5.59 -14.89 14.98
C LEU B 166 -7.01 -14.88 15.52
N LYS B 167 -7.52 -13.69 15.86
CA LYS B 167 -8.87 -13.59 16.42
C LYS B 167 -9.93 -14.00 15.39
N LYS B 168 -9.75 -13.59 14.12
CA LYS B 168 -10.69 -13.97 13.07
C LYS B 168 -10.67 -15.47 12.79
N LYS B 169 -9.48 -16.09 12.77
CA LYS B 169 -9.41 -17.54 12.57
C LYS B 169 -10.07 -18.26 13.74
N TYR B 170 -9.82 -17.79 14.98
CA TYR B 170 -10.47 -18.36 16.16
C TYR B 170 -11.98 -18.35 16.00
N GLU B 171 -12.53 -17.19 15.60
CA GLU B 171 -13.98 -17.09 15.45
C GLU B 171 -14.49 -17.99 14.33
N ALA B 172 -13.74 -18.08 13.23
CA ALA B 172 -14.17 -18.92 12.12
C ALA B 172 -14.12 -20.41 12.48
N PHE B 173 -13.13 -20.81 13.29
CA PHE B 173 -12.99 -22.23 13.63
C PHE B 173 -14.02 -22.63 14.68
N TYR B 174 -14.19 -21.82 15.72
CA TYR B 174 -15.08 -22.16 16.82
C TYR B 174 -16.51 -21.66 16.61
N ASN B 175 -16.76 -20.80 15.62
CA ASN B 175 -18.10 -20.21 15.40
C ASN B 175 -18.65 -19.59 16.67
N GLU B 176 -17.79 -18.82 17.34
CA GLU B 176 -18.16 -18.09 18.55
C GLU B 176 -17.31 -16.83 18.59
N LYS B 177 -17.74 -15.87 19.39
CA LYS B 177 -17.01 -14.63 19.55
C LYS B 177 -15.68 -14.88 20.25
N CYS B 178 -14.62 -14.24 19.77
CA CYS B 178 -13.34 -14.28 20.46
C CYS B 178 -13.30 -13.06 21.39
N ASP B 179 -13.67 -13.28 22.64
CA ASP B 179 -13.62 -12.22 23.64
C ASP B 179 -12.29 -12.19 24.38
N MET B 180 -11.21 -12.60 23.72
CA MET B 180 -9.89 -12.73 24.33
C MET B 180 -8.89 -11.85 23.60
N ASN B 181 -7.73 -11.69 24.25
CA ASN B 181 -6.69 -10.87 23.67
C ASN B 181 -5.34 -11.41 24.11
N PHE B 182 -4.31 -11.05 23.35
CA PHE B 182 -2.92 -11.32 23.72
C PHE B 182 -2.06 -10.17 23.21
N GLU B 183 -0.82 -10.11 23.68
CA GLU B 183 0.13 -9.14 23.21
C GLU B 183 1.48 -9.82 23.03
N PHE B 184 2.37 -9.18 22.29
CA PHE B 184 3.66 -9.82 22.06
C PHE B 184 4.74 -8.79 21.80
N GLU B 185 5.98 -9.27 21.89
CA GLU B 185 7.17 -8.47 21.65
C GLU B 185 8.11 -9.26 20.76
N VAL B 186 8.44 -8.71 19.59
CA VAL B 186 9.37 -9.38 18.70
C VAL B 186 10.77 -9.28 19.28
N LEU B 187 11.38 -10.42 19.54
CA LEU B 187 12.76 -10.46 20.02
C LEU B 187 13.76 -10.59 18.89
N LYS B 188 13.36 -11.22 17.79
CA LYS B 188 14.28 -11.39 16.67
C LYS B 188 13.46 -11.72 15.43
N PHE B 189 13.88 -11.20 14.27
CA PHE B 189 13.23 -11.66 13.05
C PHE B 189 14.20 -11.54 11.88
N ARG B 190 14.00 -12.41 10.89
CA ARG B 190 14.76 -12.50 9.67
C ARG B 190 13.71 -12.67 8.57
N PRO B 191 13.73 -11.85 7.53
CA PRO B 191 12.82 -12.07 6.41
C PRO B 191 13.30 -13.25 5.58
N LYS B 192 12.35 -13.98 5.01
CA LYS B 192 12.62 -15.16 4.21
C LYS B 192 11.79 -15.03 2.94
N ARG B 193 12.42 -15.26 1.79
CA ARG B 193 11.69 -15.25 0.52
C ARG B 193 11.21 -16.66 0.22
N MET B 194 9.90 -16.83 0.06
CA MET B 194 9.30 -18.16 -0.05
C MET B 194 8.42 -18.24 -1.29
N ARG B 195 8.64 -19.25 -2.12
CA ARG B 195 7.73 -19.49 -3.24
C ARG B 195 6.39 -19.99 -2.72
N ILE B 196 5.28 -19.44 -3.21
CA ILE B 196 3.96 -19.77 -2.65
C ILE B 196 2.99 -20.31 -3.68
N LYS B 197 2.92 -19.70 -4.85
CA LYS B 197 1.98 -20.22 -5.82
C LYS B 197 2.43 -19.73 -7.20
N ASN B 198 2.23 -20.61 -8.19
CA ASN B 198 2.76 -20.35 -9.51
C ASN B 198 4.25 -20.06 -9.34
N ASP B 199 4.64 -18.86 -9.74
CA ASP B 199 6.03 -18.42 -9.65
C ASP B 199 6.12 -17.16 -8.80
N ILE B 200 5.14 -16.97 -7.92
CA ILE B 200 5.10 -15.81 -7.04
C ILE B 200 5.82 -16.17 -5.75
N TYR B 201 6.70 -15.27 -5.33
CA TYR B 201 7.42 -15.36 -4.07
C TYR B 201 6.91 -14.30 -3.11
N CYS B 202 6.83 -14.66 -1.83
CA CYS B 202 6.44 -13.69 -0.81
C CYS B 202 7.59 -13.51 0.18
N ARG B 203 7.47 -12.46 0.99
CA ARG B 203 8.39 -12.21 2.09
C ARG B 203 7.68 -12.61 3.37
N CYS B 204 8.32 -13.50 4.14
CA CYS B 204 7.79 -14.12 5.35
C CYS B 204 8.73 -13.84 6.51
N SER B 205 8.26 -14.05 7.75
CA SER B 205 9.06 -13.70 8.93
C SER B 205 9.44 -14.97 9.67
N GLU B 206 10.73 -15.28 9.70
CA GLU B 206 11.28 -16.20 10.68
C GLU B 206 11.51 -15.40 11.96
N MET B 207 10.84 -15.76 13.05
CA MET B 207 10.94 -14.85 14.18
C MET B 207 10.81 -15.57 15.51
N VAL B 208 11.33 -14.89 16.53
CA VAL B 208 11.24 -15.24 17.94
C VAL B 208 10.53 -14.09 18.63
N PHE B 209 9.53 -14.41 19.47
CA PHE B 209 8.73 -13.37 20.11
C PHE B 209 8.23 -13.85 21.45
N LYS B 210 8.14 -12.92 22.40
CA LYS B 210 7.57 -13.17 23.70
C LYS B 210 6.08 -12.86 23.63
N VAL B 211 5.27 -13.67 24.33
CA VAL B 211 3.82 -13.49 24.32
C VAL B 211 3.29 -13.43 25.74
N TRP B 212 2.16 -12.74 25.90
CA TRP B 212 1.40 -12.74 27.13
C TRP B 212 -0.05 -12.45 26.77
N GLY B 213 -0.94 -12.66 27.72
CA GLY B 213 -2.36 -12.50 27.49
C GLY B 213 -3.11 -13.79 27.76
N ASP B 214 -4.22 -13.98 27.06
CA ASP B 214 -5.13 -15.07 27.34
C ASP B 214 -4.58 -16.40 26.81
N TYR B 215 -4.38 -17.36 27.73
CA TYR B 215 -3.78 -18.65 27.36
C TYR B 215 -4.53 -19.32 26.23
N ASP B 216 -5.86 -19.31 26.26
CA ASP B 216 -6.60 -20.06 25.25
C ASP B 216 -6.40 -19.49 23.85
N LEU B 217 -6.23 -18.18 23.73
CA LEU B 217 -6.04 -17.61 22.40
C LEU B 217 -4.63 -17.92 21.88
N ILE B 218 -3.62 -17.73 22.74
CA ILE B 218 -2.25 -18.06 22.35
C ILE B 218 -2.17 -19.53 21.99
N LYS B 219 -2.85 -20.38 22.74
CA LYS B 219 -2.88 -21.81 22.44
C LYS B 219 -3.50 -22.07 21.08
N PHE B 220 -4.54 -21.32 20.71
CA PHE B 220 -5.08 -21.48 19.38
C PHE B 220 -4.05 -21.14 18.31
N GLY B 221 -3.26 -20.08 18.53
CA GLY B 221 -2.18 -19.80 17.61
C GLY B 221 -1.11 -20.89 17.60
N TYR B 222 -0.86 -21.48 18.76
CA TYR B 222 0.08 -22.60 18.86
C TYR B 222 -0.40 -23.78 18.05
N GLU B 223 -1.72 -24.01 18.02
CA GLU B 223 -2.24 -25.20 17.38
C GLU B 223 -2.56 -24.99 15.91
N CYS B 224 -3.02 -23.80 15.54
CA CYS B 224 -3.46 -23.49 14.18
C CYS B 224 -2.38 -22.86 13.34
N GLY B 225 -1.44 -22.20 13.99
CA GLY B 225 -0.45 -21.39 13.31
C GLY B 225 -0.80 -19.90 13.43
N PHE B 226 0.24 -19.06 13.36
CA PHE B 226 0.09 -17.61 13.31
C PHE B 226 0.10 -17.13 11.87
N GLY B 227 -0.57 -16.00 11.60
CA GLY B 227 -0.59 -15.51 10.23
C GLY B 227 -1.46 -16.36 9.31
N GLU B 228 -1.24 -16.16 8.02
CA GLU B 228 -2.09 -16.72 6.97
C GLU B 228 -1.42 -17.90 6.27
N LYS B 229 -2.20 -18.57 5.43
CA LYS B 229 -1.77 -19.72 4.64
C LYS B 229 -1.19 -20.83 5.53
N ASN B 230 -1.76 -20.99 6.72
CA ASN B 230 -1.32 -22.05 7.63
C ASN B 230 -1.37 -23.40 6.94
N SER B 231 -2.45 -23.67 6.20
CA SER B 231 -2.60 -24.99 5.61
C SER B 231 -1.64 -25.22 4.44
N MET B 232 -0.92 -24.19 4.00
CA MET B 232 0.16 -24.37 3.05
C MET B 232 1.49 -24.47 3.74
N GLY B 233 1.51 -24.57 5.07
CA GLY B 233 2.74 -24.78 5.78
C GLY B 233 3.42 -23.54 6.35
N PHE B 234 2.66 -22.52 6.70
CA PHE B 234 3.23 -21.28 7.20
C PHE B 234 2.75 -21.05 8.63
N GLY B 235 3.62 -20.44 9.42
CA GLY B 235 3.21 -19.86 10.69
C GLY B 235 3.25 -20.78 11.89
N MET B 236 3.84 -21.95 11.77
CA MET B 236 3.87 -22.86 12.91
C MET B 236 4.96 -22.44 13.88
N VAL B 237 4.64 -22.44 15.17
CA VAL B 237 5.59 -22.05 16.19
C VAL B 237 5.79 -23.18 17.20
N VAL B 238 6.86 -23.02 17.99
CA VAL B 238 7.15 -23.92 19.08
C VAL B 238 7.59 -23.07 20.27
N ASN B 239 7.33 -23.57 21.46
CA ASN B 239 7.77 -22.89 22.67
C ASN B 239 9.28 -23.01 22.85
N VAL B 240 9.89 -21.96 23.39
CA VAL B 240 11.32 -21.95 23.72
C VAL B 240 11.40 -21.95 25.23
N GLU B 241 11.99 -23.00 25.80
CA GLU B 241 12.04 -23.14 27.26
C GLU B 241 13.15 -22.30 27.90
N ARG C 2 12.45 40.01 -11.35
CA ARG C 2 12.05 38.61 -11.25
C ARG C 2 11.23 38.36 -9.98
N GLU C 3 9.99 37.92 -10.21
CA GLU C 3 9.00 37.61 -9.19
C GLU C 3 8.08 36.54 -9.77
N SER C 4 7.09 36.10 -8.99
CA SER C 4 6.22 35.07 -9.55
C SER C 4 5.18 35.70 -10.49
N MET C 5 4.44 34.84 -11.20
CA MET C 5 3.39 35.39 -12.05
C MET C 5 2.35 34.33 -12.31
N ARG C 6 1.06 34.76 -12.24
CA ARG C 6 -0.10 33.92 -12.58
C ARG C 6 -0.95 34.61 -13.64
N ILE C 7 -1.34 33.86 -14.65
CA ILE C 7 -2.19 34.42 -15.69
C ILE C 7 -3.41 33.54 -15.89
N GLU C 8 -4.48 34.19 -16.28
CA GLU C 8 -5.70 33.54 -16.72
C GLU C 8 -5.78 33.70 -18.24
N LEU C 9 -5.63 32.59 -18.97
CA LEU C 9 -5.80 32.63 -20.42
C LEU C 9 -7.28 32.55 -20.74
N GLU C 10 -7.78 33.54 -21.47
CA GLU C 10 -9.19 33.59 -21.87
C GLU C 10 -9.31 32.90 -23.22
N LEU C 11 -10.00 31.76 -23.25
CA LEU C 11 -10.13 30.93 -24.43
C LEU C 11 -11.57 31.02 -24.95
N GLN C 12 -11.73 30.79 -26.25
CA GLN C 12 -13.04 30.89 -26.88
C GLN C 12 -13.18 29.78 -27.92
N THR C 13 -14.18 28.92 -27.77
CA THR C 13 -14.50 27.93 -28.78
C THR C 13 -15.97 28.14 -29.20
N ASP C 14 -16.52 27.20 -29.94
CA ASP C 14 -17.92 27.36 -30.36
C ASP C 14 -18.85 27.29 -29.16
N ASN C 15 -19.96 28.05 -29.25
CA ASN C 15 -21.05 27.89 -28.28
C ASN C 15 -21.47 26.42 -28.18
N PHE C 16 -21.87 26.03 -26.97
CA PHE C 16 -22.42 24.70 -26.66
C PHE C 16 -21.39 23.59 -26.74
N THR C 17 -20.10 23.90 -26.66
CA THR C 17 -19.09 22.85 -26.78
C THR C 17 -18.94 22.09 -25.45
N VAL C 18 -18.78 20.77 -25.53
CA VAL C 18 -18.52 19.98 -24.33
C VAL C 18 -17.02 19.78 -24.16
N ILE C 19 -16.49 20.14 -23.00
CA ILE C 19 -15.12 19.82 -22.62
C ILE C 19 -15.14 18.48 -21.86
N PRO C 20 -14.59 17.42 -22.42
CA PRO C 20 -14.69 16.09 -21.78
C PRO C 20 -14.10 16.06 -20.36
N TYR C 21 -14.69 15.22 -19.51
CA TYR C 21 -14.17 15.02 -18.16
C TYR C 21 -12.72 14.57 -18.17
N ASN C 22 -12.33 13.85 -19.21
CA ASN C 22 -10.96 13.34 -19.26
C ASN C 22 -10.02 14.26 -20.03
N HIS C 23 -10.34 15.56 -20.14
CA HIS C 23 -9.55 16.42 -21.00
C HIS C 23 -8.12 16.70 -20.46
N GLN C 24 -7.87 16.51 -19.17
CA GLN C 24 -6.61 17.00 -18.63
C GLN C 24 -5.41 16.40 -19.36
N TYR C 25 -5.46 15.11 -19.69
CA TYR C 25 -4.36 14.46 -20.38
C TYR C 25 -4.09 15.13 -21.73
N TYR C 26 -5.15 15.46 -22.47
CA TYR C 26 -4.97 16.12 -23.76
C TYR C 26 -4.51 17.56 -23.60
N LEU C 27 -4.97 18.23 -22.55
CA LEU C 27 -4.53 19.58 -22.28
C LEU C 27 -3.02 19.61 -21.99
N ALA C 28 -2.57 18.69 -21.15
CA ALA C 28 -1.15 18.60 -20.82
C ALA C 28 -0.32 18.33 -22.06
N SER C 29 -0.80 17.43 -22.93
CA SER C 29 -0.13 17.19 -24.20
C SER C 29 -0.08 18.46 -25.03
N ALA C 30 -1.20 19.20 -25.10
CA ALA C 30 -1.20 20.42 -25.90
C ALA C 30 -0.22 21.46 -25.35
N ILE C 31 -0.17 21.61 -24.03
CA ILE C 31 0.71 22.61 -23.42
C ILE C 31 2.17 22.22 -23.67
N TYR C 32 2.50 20.94 -23.44
CA TYR C 32 3.85 20.46 -23.74
C TYR C 32 4.21 20.73 -25.18
N ASN C 33 3.30 20.44 -26.11
CA ASN C 33 3.60 20.61 -27.52
C ASN C 33 3.83 22.07 -27.88
N LYS C 34 3.10 23.00 -27.25
CA LYS C 34 3.37 24.41 -27.50
C LYS C 34 4.78 24.77 -27.00
N ILE C 35 5.10 24.40 -25.76
CA ILE C 35 6.38 24.80 -25.18
C ILE C 35 7.54 24.30 -26.04
N HIS C 36 7.41 23.10 -26.61
CA HIS C 36 8.48 22.47 -27.37
C HIS C 36 8.32 22.61 -28.89
N SER C 37 7.45 23.51 -29.33
CA SER C 37 7.17 23.68 -30.76
C SER C 37 8.33 24.31 -31.51
N ALA C 38 8.50 23.93 -32.78
CA ALA C 38 9.44 24.63 -33.65
C ALA C 38 8.89 25.94 -34.18
N ASN C 39 7.60 26.22 -33.99
CA ASN C 39 7.07 27.52 -34.38
C ASN C 39 7.91 28.62 -33.75
N PRO C 40 8.42 29.57 -34.54
CA PRO C 40 9.25 30.65 -33.97
C PRO C 40 8.52 31.47 -32.91
N ALA C 41 7.19 31.46 -32.89
CA ALA C 41 6.45 32.14 -31.82
C ALA C 41 6.86 31.62 -30.44
N TYR C 42 7.26 30.35 -30.35
CA TYR C 42 7.71 29.73 -29.11
C TYR C 42 9.20 29.48 -29.05
N ALA C 43 9.79 29.11 -30.20
CA ALA C 43 11.15 28.57 -30.22
C ALA C 43 12.14 29.57 -29.65
N LYS C 44 12.08 30.80 -30.12
CA LYS C 44 13.01 31.82 -29.62
C LYS C 44 12.76 32.10 -28.14
N ARG C 45 11.48 32.31 -27.80
CA ARG C 45 11.08 32.74 -26.46
C ARG C 45 11.37 31.68 -25.41
N LEU C 46 11.31 30.40 -25.76
CA LEU C 46 11.36 29.32 -24.77
C LEU C 46 12.60 28.45 -24.92
N HIS C 47 13.59 28.94 -25.67
CA HIS C 47 14.81 28.16 -25.92
C HIS C 47 15.46 27.70 -24.61
N ASN C 48 15.43 28.55 -23.58
CA ASN C 48 16.06 28.24 -22.29
C ASN C 48 15.13 27.49 -21.34
N TYR C 49 13.92 27.11 -21.76
CA TYR C 49 12.93 26.53 -20.85
C TYR C 49 12.43 25.15 -21.31
N GLN C 50 13.19 24.47 -22.17
CA GLN C 50 12.73 23.20 -22.72
C GLN C 50 12.72 22.10 -21.68
N LYS C 51 13.47 22.23 -20.58
CA LYS C 51 13.42 21.26 -19.51
C LYS C 51 12.93 21.88 -18.22
N PHE C 52 12.32 23.06 -18.32
CA PHE C 52 11.89 23.80 -17.13
C PHE C 52 10.64 23.18 -16.55
N LYS C 53 10.68 22.83 -15.27
CA LYS C 53 9.55 22.12 -14.68
C LYS C 53 8.90 22.83 -13.47
N PHE C 54 9.30 24.06 -13.16
CA PHE C 54 8.76 24.75 -11.99
C PHE C 54 7.63 25.68 -12.41
N PHE C 55 6.56 25.06 -12.90
CA PHE C 55 5.34 25.80 -13.24
C PHE C 55 4.18 24.83 -13.16
N THR C 56 2.96 25.38 -13.12
CA THR C 56 1.77 24.51 -13.09
C THR C 56 0.66 25.15 -13.92
N PHE C 57 -0.40 24.38 -14.14
CA PHE C 57 -1.57 24.97 -14.79
C PHE C 57 -2.79 24.19 -14.35
N SER C 58 -3.97 24.80 -14.54
CA SER C 58 -5.22 24.26 -14.03
C SER C 58 -5.87 23.33 -15.07
N LEU C 59 -6.94 22.65 -14.65
CA LEU C 59 -7.89 22.11 -15.64
C LEU C 59 -8.55 23.28 -16.36
N LEU C 60 -9.19 22.97 -17.50
CA LEU C 60 -10.00 24.00 -18.16
C LEU C 60 -11.19 24.32 -17.29
N GLN C 61 -11.42 25.61 -17.06
CA GLN C 61 -12.50 26.06 -16.18
C GLN C 61 -13.63 26.65 -17.02
N ILE C 62 -14.87 26.30 -16.71
CA ILE C 62 -16.04 26.81 -17.44
C ILE C 62 -16.95 27.51 -16.45
N ARG C 63 -17.35 28.74 -16.77
CA ARG C 63 -18.23 29.51 -15.91
C ARG C 63 -19.70 29.34 -16.26
N LYS C 64 -20.06 29.43 -17.53
CA LYS C 64 -21.46 29.24 -17.95
C LYS C 64 -21.60 27.80 -18.42
N ARG C 65 -21.93 26.92 -17.48
CA ARG C 65 -21.68 25.51 -17.65
C ARG C 65 -22.96 24.69 -17.55
N VAL C 66 -22.96 23.56 -18.26
CA VAL C 66 -24.00 22.55 -18.11
C VAL C 66 -23.32 21.21 -17.91
N ILE C 67 -23.71 20.50 -16.85
CA ILE C 67 -23.16 19.17 -16.62
C ILE C 67 -23.77 18.21 -17.62
N ARG C 68 -22.92 17.52 -18.37
CA ARG C 68 -23.34 16.54 -19.36
C ARG C 68 -22.75 15.18 -19.01
N LYS C 69 -23.17 14.18 -19.78
CA LYS C 69 -22.69 12.84 -19.49
C LYS C 69 -21.20 12.74 -19.77
N GLU C 70 -20.72 13.33 -20.87
CA GLU C 70 -19.32 13.18 -21.28
C GLU C 70 -18.40 14.29 -20.76
N GLY C 71 -18.93 15.37 -20.22
CA GLY C 71 -18.07 16.47 -19.80
C GLY C 71 -18.90 17.65 -19.36
N ILE C 72 -18.26 18.81 -19.34
CA ILE C 72 -18.90 20.07 -18.94
C ILE C 72 -19.10 20.89 -20.20
N GLU C 73 -20.33 21.28 -20.48
CA GLU C 73 -20.62 22.09 -21.63
C GLU C 73 -20.42 23.57 -21.32
N THR C 74 -19.75 24.29 -22.23
CA THR C 74 -19.66 25.73 -22.15
C THR C 74 -20.71 26.33 -23.10
N ILE C 75 -21.67 27.04 -22.51
CA ILE C 75 -22.80 27.59 -23.26
C ILE C 75 -22.36 28.70 -24.19
N ASP C 76 -21.51 29.60 -23.71
CA ASP C 76 -21.05 30.72 -24.50
C ASP C 76 -19.70 30.44 -25.17
N GLY C 77 -19.21 29.21 -25.08
CA GLY C 77 -17.95 28.85 -25.70
C GLY C 77 -16.72 29.33 -24.95
N LYS C 78 -16.87 30.09 -23.88
CA LYS C 78 -15.69 30.56 -23.16
C LYS C 78 -15.15 29.49 -22.21
N ALA C 79 -13.83 29.47 -22.06
CA ALA C 79 -13.18 28.65 -21.04
C ALA C 79 -11.96 29.41 -20.56
N TYR C 80 -11.45 29.01 -19.39
CA TYR C 80 -10.36 29.76 -18.75
C TYR C 80 -9.28 28.78 -18.32
N LEU C 81 -8.03 29.10 -18.62
CA LEU C 81 -6.92 28.24 -18.25
C LEU C 81 -5.96 29.07 -17.39
N TYR C 82 -5.67 28.61 -16.18
CA TYR C 82 -4.75 29.32 -15.29
C TYR C 82 -3.39 28.67 -15.39
N ILE C 83 -2.36 29.51 -15.46
CA ILE C 83 -0.97 29.04 -15.56
C ILE C 83 -0.14 29.91 -14.63
N SER C 84 0.80 29.30 -13.89
CA SER C 84 1.58 30.10 -12.96
C SER C 84 2.97 29.50 -12.83
N SER C 85 3.90 30.36 -12.44
CA SER C 85 5.27 29.91 -12.16
C SER C 85 5.93 30.91 -11.21
N PRO C 86 6.82 30.45 -10.31
CA PRO C 86 7.67 31.43 -9.61
C PRO C 86 8.68 32.12 -10.54
N ASN C 87 8.82 31.67 -11.78
CA ASN C 87 9.69 32.30 -12.77
C ASN C 87 8.84 33.18 -13.69
N ASN C 88 8.88 34.52 -13.50
CA ASN C 88 7.93 35.29 -14.30
C ASN C 88 8.36 35.38 -15.76
N GLU C 89 9.66 35.28 -16.05
CA GLU C 89 10.10 35.31 -17.44
C GLU C 89 9.55 34.13 -18.21
N PHE C 90 9.48 32.94 -17.59
CA PHE C 90 8.88 31.80 -18.28
C PHE C 90 7.44 32.12 -18.68
N ILE C 91 6.65 32.60 -17.73
CA ILE C 91 5.22 32.86 -17.97
C ILE C 91 5.05 33.95 -19.03
N GLU C 92 5.81 35.04 -18.91
CA GLU C 92 5.67 36.13 -19.89
C GLU C 92 6.02 35.65 -21.28
N ASN C 93 7.13 34.92 -21.43
CA ASN C 93 7.53 34.43 -22.74
C ASN C 93 6.49 33.44 -23.30
N PHE C 94 5.99 32.55 -22.46
CA PHE C 94 5.01 31.57 -22.92
C PHE C 94 3.71 32.26 -23.34
N VAL C 95 3.25 33.22 -22.54
CA VAL C 95 2.03 33.96 -22.87
C VAL C 95 2.20 34.70 -24.19
N ALA C 96 3.35 35.35 -24.39
CA ALA C 96 3.59 36.05 -25.66
C ALA C 96 3.50 35.08 -26.84
N GLY C 97 4.09 33.88 -26.70
CA GLY C 97 3.96 32.91 -27.78
C GLY C 97 2.51 32.46 -27.98
N LEU C 98 1.80 32.18 -26.90
CA LEU C 98 0.41 31.72 -26.99
C LEU C 98 -0.46 32.77 -27.66
N LEU C 99 -0.25 34.04 -27.31
CA LEU C 99 -1.04 35.12 -27.90
C LEU C 99 -0.69 35.30 -29.36
N GLU C 100 0.60 35.17 -29.74
CA GLU C 100 0.97 35.30 -31.14
C GLU C 100 0.42 34.16 -31.98
N ASP C 101 0.56 32.93 -31.49
CA ASP C 101 -0.03 31.75 -32.12
C ASP C 101 -1.55 31.92 -32.26
N GLY C 102 -2.23 32.14 -31.14
CA GLY C 102 -3.63 32.47 -31.14
C GLY C 102 -4.58 31.30 -31.06
N LYS C 103 -4.09 30.07 -31.14
CA LYS C 103 -4.96 28.90 -31.18
C LYS C 103 -4.40 27.84 -30.26
N LEU C 104 -5.30 27.14 -29.59
CA LEU C 104 -4.95 26.03 -28.71
C LEU C 104 -5.95 24.91 -28.90
N ARG C 105 -5.49 23.77 -29.35
CA ARG C 105 -6.37 22.62 -29.54
C ARG C 105 -6.21 21.66 -28.37
N VAL C 106 -7.32 21.31 -27.72
CA VAL C 106 -7.33 20.33 -26.63
C VAL C 106 -8.22 19.19 -27.08
N GLY C 107 -7.60 18.05 -27.38
CA GLY C 107 -8.38 16.94 -27.91
C GLY C 107 -9.02 17.35 -29.23
N ASN C 108 -10.36 17.29 -29.28
CA ASN C 108 -11.10 17.67 -30.48
C ASN C 108 -11.65 19.08 -30.41
N VAL C 109 -11.30 19.85 -29.37
CA VAL C 109 -11.84 21.19 -29.18
C VAL C 109 -10.78 22.22 -29.58
N GLU C 110 -11.13 23.12 -30.46
CA GLU C 110 -10.23 24.19 -30.89
C GLU C 110 -10.60 25.48 -30.17
N PHE C 111 -9.64 26.10 -29.47
CA PHE C 111 -9.87 27.38 -28.82
C PHE C 111 -9.11 28.50 -29.52
N PHE C 112 -9.73 29.68 -29.57
CA PHE C 112 -8.98 30.92 -29.79
C PHE C 112 -8.42 31.42 -28.46
N VAL C 113 -7.15 31.83 -28.45
CA VAL C 113 -6.53 32.42 -27.27
C VAL C 113 -6.69 33.94 -27.38
N ARG C 114 -7.60 34.52 -26.60
CA ARG C 114 -7.99 35.91 -26.80
C ARG C 114 -7.10 36.91 -26.06
N LYS C 115 -6.91 36.71 -24.76
CA LYS C 115 -6.21 37.66 -23.87
C LYS C 115 -5.63 36.86 -22.73
N ALA C 116 -4.70 37.48 -22.00
CA ALA C 116 -4.19 36.85 -20.78
C ALA C 116 -4.30 37.86 -19.65
N LYS C 117 -5.09 37.51 -18.64
CA LYS C 117 -5.36 38.41 -17.53
C LYS C 117 -4.33 38.16 -16.43
N ILE C 118 -3.74 39.23 -15.92
CA ILE C 118 -2.73 39.12 -14.87
C ILE C 118 -3.42 39.01 -13.52
N LEU C 119 -3.01 38.02 -12.72
CA LEU C 119 -3.62 37.77 -11.41
C LEU C 119 -2.55 37.98 -10.35
N PRO C 120 -2.54 39.12 -9.64
CA PRO C 120 -1.52 39.32 -8.59
C PRO C 120 -1.69 38.29 -7.48
N ILE C 121 -0.59 38.00 -6.81
CA ILE C 121 -0.59 36.99 -5.74
C ILE C 121 -1.38 37.51 -4.55
N PRO C 122 -2.16 36.67 -3.87
CA PRO C 122 -2.79 37.11 -2.63
C PRO C 122 -1.75 37.55 -1.61
N LYS C 123 -2.09 38.59 -0.85
CA LYS C 123 -1.16 39.06 0.17
C LYS C 123 -1.22 38.22 1.44
N LYS C 124 -2.22 37.36 1.57
CA LYS C 124 -2.33 36.44 2.69
C LYS C 124 -3.06 35.19 2.24
N PHE C 125 -2.76 34.07 2.89
CA PHE C 125 -3.39 32.79 2.58
C PHE C 125 -4.14 32.24 3.78
N ASN C 126 -5.28 31.63 3.49
CA ASN C 126 -6.08 31.01 4.54
C ASN C 126 -6.59 29.66 4.02
N ILE C 127 -7.58 29.69 3.13
CA ILE C 127 -8.13 28.47 2.53
C ILE C 127 -7.66 28.40 1.08
N LEU C 128 -7.18 27.24 0.68
CA LEU C 128 -6.76 26.97 -0.68
C LEU C 128 -7.60 25.81 -1.22
N LYS C 129 -7.88 25.83 -2.53
CA LYS C 129 -8.52 24.64 -3.12
C LYS C 129 -7.85 24.34 -4.45
N THR C 130 -7.80 23.07 -4.81
CA THR C 130 -7.15 22.69 -6.06
C THR C 130 -8.01 23.09 -7.26
N ILE C 131 -7.35 23.63 -8.29
CA ILE C 131 -7.93 23.76 -9.62
C ILE C 131 -7.26 22.83 -10.62
N SER C 132 -6.17 22.16 -10.23
CA SER C 132 -5.79 20.89 -10.84
C SER C 132 -5.37 20.02 -9.65
N PRO C 133 -5.70 18.72 -9.67
CA PRO C 133 -5.56 17.92 -8.45
C PRO C 133 -4.10 17.62 -8.14
N ILE C 134 -3.86 17.26 -6.87
CA ILE C 134 -2.50 17.06 -6.35
C ILE C 134 -2.07 15.62 -6.56
N TYR C 135 -0.89 15.44 -7.13
CA TYR C 135 -0.30 14.14 -7.35
C TYR C 135 0.88 13.95 -6.41
N LEU C 136 0.93 12.82 -5.71
CA LEU C 136 2.03 12.57 -4.77
C LEU C 136 2.25 11.08 -4.71
N LYS C 137 3.48 10.62 -4.97
CA LYS C 137 3.69 9.18 -5.11
C LYS C 137 4.85 8.69 -4.25
N THR C 138 4.85 7.38 -4.00
CA THR C 138 5.97 6.76 -3.31
C THR C 138 6.09 5.33 -3.81
N MET C 139 7.29 4.76 -3.73
CA MET C 139 7.50 3.42 -4.29
C MET C 139 7.31 2.38 -3.19
N ILE C 140 6.71 1.26 -3.54
CA ILE C 140 6.41 0.23 -2.55
C ILE C 140 6.71 -1.14 -3.16
N GLU C 141 7.33 -2.01 -2.37
CA GLU C 141 7.63 -3.37 -2.79
C GLU C 141 6.40 -4.24 -2.65
N THR C 142 6.02 -4.96 -3.70
CA THR C 142 4.89 -5.88 -3.62
C THR C 142 5.34 -7.28 -4.06
N GLU C 143 4.44 -8.25 -3.94
CA GLU C 143 4.74 -9.58 -4.45
C GLU C 143 4.96 -9.59 -5.96
N ASP C 144 4.50 -8.54 -6.64
CA ASP C 144 4.68 -8.35 -8.06
C ASP C 144 5.82 -7.38 -8.39
N GLY C 145 6.73 -7.11 -7.45
CA GLY C 145 7.83 -6.20 -7.69
C GLY C 145 7.55 -4.79 -7.18
N LEU C 146 8.49 -3.88 -7.45
CA LEU C 146 8.37 -2.49 -7.02
C LEU C 146 7.30 -1.78 -7.83
N LYS C 147 6.36 -1.15 -7.15
CA LYS C 147 5.23 -0.48 -7.79
C LYS C 147 5.09 0.95 -7.25
N THR C 148 4.34 1.76 -7.99
CA THR C 148 4.09 3.14 -7.60
C THR C 148 2.79 3.23 -6.82
N TYR C 149 2.84 3.79 -5.62
CA TYR C 149 1.66 4.01 -4.81
C TYR C 149 1.32 5.50 -4.83
N ASP C 150 0.05 5.82 -5.07
CA ASP C 150 -0.38 7.22 -5.09
C ASP C 150 -0.90 7.60 -3.72
N LEU C 151 -0.21 8.53 -3.06
CA LEU C 151 -0.63 8.99 -1.73
C LEU C 151 -1.80 9.95 -1.84
N LEU C 152 -2.77 9.76 -0.95
CA LEU C 152 -3.93 10.62 -0.77
C LEU C 152 -3.97 11.09 0.68
N PRO C 153 -4.76 12.14 0.98
CA PRO C 153 -4.73 12.70 2.34
C PRO C 153 -5.13 11.72 3.43
N ASN C 154 -5.85 10.64 3.11
CA ASN C 154 -6.10 9.64 4.15
C ASN C 154 -4.92 8.68 4.37
N ASN C 155 -3.84 8.76 3.60
CA ASN C 155 -2.61 8.03 3.90
C ASN C 155 -1.77 8.77 4.92
N SER C 156 -1.19 8.02 5.87
CA SER C 156 -0.40 8.64 6.93
C SER C 156 0.84 9.37 6.40
N LYS C 157 1.40 8.92 5.28
CA LYS C 157 2.60 9.56 4.74
C LYS C 157 2.30 10.83 3.94
N PHE C 158 1.04 11.09 3.61
CA PHE C 158 0.71 12.21 2.73
C PHE C 158 1.22 13.53 3.30
N TYR C 159 0.96 13.78 4.58
CA TYR C 159 1.22 15.10 5.17
C TYR C 159 2.68 15.51 5.02
N GLU C 160 3.57 14.69 5.56
CA GLU C 160 4.97 15.06 5.51
C GLU C 160 5.53 14.95 4.09
N ASN C 161 5.03 14.02 3.27
CA ASN C 161 5.53 13.94 1.90
C ASN C 161 5.16 15.18 1.09
N LEU C 162 3.96 15.74 1.32
CA LEU C 162 3.59 16.98 0.64
C LEU C 162 4.48 18.12 1.08
N LYS C 163 4.69 18.25 2.40
CA LYS C 163 5.55 19.32 2.89
C LYS C 163 6.98 19.21 2.35
N ASN C 164 7.55 18.01 2.40
CA ASN C 164 8.93 17.81 1.99
C ASN C 164 9.08 17.99 0.50
N ASN C 165 8.07 17.59 -0.28
CA ASN C 165 8.12 17.88 -1.70
C ASN C 165 8.23 19.38 -1.93
N LEU C 166 7.40 20.17 -1.22
CA LEU C 166 7.44 21.62 -1.44
C LEU C 166 8.81 22.19 -1.05
N LYS C 167 9.35 21.77 0.10
CA LYS C 167 10.62 22.33 0.54
C LYS C 167 11.76 21.97 -0.41
N LYS C 168 11.76 20.72 -0.91
CA LYS C 168 12.80 20.30 -1.85
C LYS C 168 12.69 21.04 -3.18
N LYS C 169 11.45 21.25 -3.67
CA LYS C 169 11.26 22.04 -4.88
C LYS C 169 11.71 23.47 -4.68
N TYR C 170 11.41 24.06 -3.51
CA TYR C 170 11.88 25.41 -3.19
C TYR C 170 13.39 25.51 -3.35
N GLU C 171 14.12 24.57 -2.74
CA GLU C 171 15.59 24.62 -2.85
C GLU C 171 16.05 24.34 -4.27
N ALA C 172 15.37 23.45 -5.00
CA ALA C 172 15.78 23.18 -6.37
C ALA C 172 15.53 24.39 -7.27
N PHE C 173 14.45 25.14 -7.05
CA PHE C 173 14.18 26.31 -7.89
C PHE C 173 15.05 27.50 -7.52
N TYR C 174 15.17 27.82 -6.23
CA TYR C 174 15.85 29.05 -5.81
C TYR C 174 17.35 28.87 -5.60
N ASN C 175 17.81 27.64 -5.51
CA ASN C 175 19.21 27.36 -5.15
C ASN C 175 19.57 28.11 -3.88
N GLU C 176 18.67 28.03 -2.90
CA GLU C 176 18.87 28.61 -1.58
C GLU C 176 18.22 27.69 -0.59
N LYS C 177 18.69 27.76 0.66
CA LYS C 177 18.14 26.88 1.69
C LYS C 177 16.68 27.25 1.97
N CYS C 178 15.85 26.24 2.15
CA CYS C 178 14.48 26.47 2.60
C CYS C 178 14.49 26.32 4.12
N ASP C 179 14.68 27.44 4.81
CA ASP C 179 14.55 27.50 6.26
C ASP C 179 13.16 27.88 6.70
N MET C 180 12.15 27.44 5.97
CA MET C 180 10.78 27.83 6.26
C MET C 180 9.94 26.60 6.51
N ASN C 181 8.75 26.83 7.03
CA ASN C 181 7.86 25.73 7.31
C ASN C 181 6.43 26.22 7.10
N PHE C 182 5.54 25.27 6.84
CA PHE C 182 4.11 25.56 6.84
C PHE C 182 3.40 24.33 7.36
N GLU C 183 2.13 24.50 7.71
CA GLU C 183 1.29 23.40 8.13
C GLU C 183 -0.06 23.55 7.43
N PHE C 184 -0.87 22.49 7.48
CA PHE C 184 -2.16 22.59 6.81
C PHE C 184 -3.15 21.64 7.45
N GLU C 185 -4.42 21.88 7.17
CA GLU C 185 -5.51 21.03 7.65
C GLU C 185 -6.40 20.75 6.46
N VAL C 186 -6.63 19.48 6.15
CA VAL C 186 -7.49 19.13 5.02
C VAL C 186 -8.95 19.31 5.41
N LEU C 187 -9.67 20.13 4.67
CA LEU C 187 -11.09 20.28 4.97
C LEU C 187 -11.94 19.31 4.18
N LYS C 188 -11.52 18.97 2.98
CA LYS C 188 -12.31 18.08 2.15
C LYS C 188 -11.40 17.54 1.06
N PHE C 189 -11.59 16.27 0.67
CA PHE C 189 -10.85 15.78 -0.50
C PHE C 189 -11.66 14.71 -1.20
N ARG C 190 -11.40 14.57 -2.50
CA ARG C 190 -12.01 13.54 -3.36
C ARG C 190 -10.90 12.97 -4.25
N PRO C 191 -10.76 11.67 -4.34
CA PRO C 191 -9.81 11.10 -5.27
C PRO C 191 -10.31 11.25 -6.70
N LYS C 192 -9.37 11.44 -7.62
CA LYS C 192 -9.64 11.59 -9.05
C LYS C 192 -8.68 10.72 -9.82
N ARG C 193 -9.20 9.93 -10.77
CA ARG C 193 -8.36 9.09 -11.61
C ARG C 193 -7.93 9.88 -12.85
N MET C 194 -6.61 9.98 -13.06
CA MET C 194 -6.06 10.89 -14.07
C MET C 194 -5.05 10.14 -14.92
N ARG C 195 -5.23 10.18 -16.23
CA ARG C 195 -4.23 9.59 -17.10
C ARG C 195 -2.98 10.45 -17.14
N ILE C 196 -1.82 9.80 -17.01
CA ILE C 196 -0.55 10.50 -17.02
C ILE C 196 0.39 10.01 -18.11
N LYS C 197 0.15 8.84 -18.66
CA LYS C 197 0.99 8.28 -19.71
C LYS C 197 0.11 7.37 -20.53
N ASN C 198 0.57 7.06 -21.74
CA ASN C 198 -0.18 6.24 -22.68
C ASN C 198 -0.86 5.06 -21.98
N ASP C 199 -0.20 4.50 -20.96
CA ASP C 199 -0.77 3.35 -20.28
C ASP C 199 -0.86 3.49 -18.76
N ILE C 200 -0.72 4.68 -18.19
CA ILE C 200 -0.71 4.80 -16.73
C ILE C 200 -1.77 5.78 -16.26
N TYR C 201 -2.59 5.32 -15.32
CA TYR C 201 -3.56 6.15 -14.64
C TYR C 201 -3.15 6.26 -13.19
N CYS C 202 -3.30 7.45 -12.63
CA CYS C 202 -2.96 7.64 -11.22
C CYS C 202 -4.18 8.12 -10.48
N ARG C 203 -4.10 8.08 -9.16
CA ARG C 203 -5.09 8.66 -8.27
C ARG C 203 -4.52 9.96 -7.71
N CYS C 204 -5.24 11.06 -7.88
CA CYS C 204 -4.84 12.40 -7.47
C CYS C 204 -5.88 12.93 -6.50
N SER C 205 -5.58 14.04 -5.82
CA SER C 205 -6.47 14.58 -4.81
C SER C 205 -7.05 15.91 -5.27
N GLU C 206 -8.38 15.96 -5.45
CA GLU C 206 -9.05 17.25 -5.45
C GLU C 206 -9.29 17.63 -4.00
N MET C 207 -8.83 18.79 -3.57
CA MET C 207 -8.95 19.01 -2.13
C MET C 207 -9.03 20.48 -1.78
N VAL C 208 -9.58 20.72 -0.61
CA VAL C 208 -9.68 22.04 0.00
C VAL C 208 -8.99 21.94 1.34
N PHE C 209 -8.13 22.92 1.64
CA PHE C 209 -7.33 22.83 2.86
C PHE C 209 -6.98 24.22 3.38
N LYS C 210 -6.85 24.33 4.69
CA LYS C 210 -6.39 25.58 5.30
C LYS C 210 -4.88 25.47 5.53
N VAL C 211 -4.18 26.61 5.43
CA VAL C 211 -2.73 26.63 5.58
C VAL C 211 -2.35 27.69 6.60
N TRP C 212 -1.20 27.47 7.24
CA TRP C 212 -0.61 28.52 8.06
C TRP C 212 0.89 28.29 8.09
N GLY C 213 1.62 29.29 8.57
CA GLY C 213 3.07 29.20 8.63
C GLY C 213 3.71 30.31 7.81
N ASP C 214 4.85 30.00 7.22
CA ASP C 214 5.64 31.03 6.52
C ASP C 214 5.04 31.40 5.17
N TYR C 215 4.68 32.68 5.02
CA TYR C 215 4.05 33.16 3.80
C TYR C 215 4.88 32.85 2.55
N ASP C 216 6.21 33.05 2.60
CA ASP C 216 7.02 32.87 1.39
C ASP C 216 7.01 31.42 0.91
N LEU C 217 6.92 30.44 1.82
CA LEU C 217 6.87 29.06 1.39
C LEU C 217 5.51 28.71 0.80
N ILE C 218 4.44 29.13 1.48
CA ILE C 218 3.10 28.91 0.95
C ILE C 218 2.96 29.56 -0.43
N LYS C 219 3.48 30.77 -0.58
CA LYS C 219 3.44 31.46 -1.86
C LYS C 219 4.16 30.69 -2.94
N PHE C 220 5.29 30.04 -2.58
CA PHE C 220 5.94 29.19 -3.56
C PHE C 220 5.04 28.03 -4.00
N GLY C 221 4.33 27.39 -3.07
CA GLY C 221 3.38 26.35 -3.48
C GLY C 221 2.26 26.94 -4.32
N TYR C 222 1.86 28.16 -3.99
CA TYR C 222 0.80 28.83 -4.75
C TYR C 222 1.23 29.06 -6.19
N GLU C 223 2.50 29.43 -6.43
CA GLU C 223 2.82 29.69 -7.83
C GLU C 223 3.49 28.51 -8.55
N CYS C 224 4.15 27.60 -7.85
CA CYS C 224 4.76 26.44 -8.48
C CYS C 224 3.82 25.26 -8.56
N GLY C 225 2.85 25.18 -7.66
CA GLY C 225 2.01 24.02 -7.49
C GLY C 225 2.42 23.21 -6.29
N PHE C 226 1.47 22.46 -5.73
CA PHE C 226 1.73 21.51 -4.67
C PHE C 226 1.90 20.12 -5.27
N GLY C 227 2.68 19.26 -4.58
CA GLY C 227 2.85 17.90 -5.08
C GLY C 227 3.73 17.84 -6.32
N GLU C 228 3.65 16.72 -7.02
CA GLU C 228 4.55 16.41 -8.12
C GLU C 228 3.89 16.61 -9.48
N LYS C 229 4.70 16.47 -10.54
CA LYS C 229 4.24 16.60 -11.93
C LYS C 229 3.56 17.95 -12.18
N ASN C 230 4.06 19.01 -11.52
CA ASN C 230 3.44 20.32 -11.70
C ASN C 230 3.43 20.70 -13.17
N SER C 231 4.54 20.47 -13.86
CA SER C 231 4.67 20.97 -15.23
C SER C 231 3.82 20.16 -16.21
N MET C 232 3.22 19.03 -15.77
CA MET C 232 2.23 18.33 -16.57
C MET C 232 0.81 18.74 -16.21
N GLY C 233 0.66 19.78 -15.39
CA GLY C 233 -0.64 20.35 -15.09
C GLY C 233 -1.28 19.87 -13.81
N PHE C 234 -0.50 19.50 -12.79
CA PHE C 234 -1.03 18.99 -11.54
C PHE C 234 -0.70 19.90 -10.37
N GLY C 235 -1.62 19.98 -9.42
CA GLY C 235 -1.34 20.58 -8.12
C GLY C 235 -1.52 22.08 -8.00
N MET C 236 -2.16 22.73 -8.99
CA MET C 236 -2.40 24.17 -8.92
C MET C 236 -3.59 24.48 -7.98
N VAL C 237 -3.43 25.48 -7.13
CA VAL C 237 -4.44 25.83 -6.17
C VAL C 237 -4.87 27.27 -6.38
N VAL C 238 -5.96 27.64 -5.73
CA VAL C 238 -6.44 29.01 -5.76
C VAL C 238 -6.94 29.35 -4.36
N ASN C 239 -6.84 30.63 -4.00
CA ASN C 239 -7.30 31.03 -2.68
C ASN C 239 -8.83 31.10 -2.71
N VAL C 240 -9.43 30.72 -1.60
CA VAL C 240 -10.89 30.72 -1.45
C VAL C 240 -11.29 31.80 -0.46
N GLU C 241 -12.25 32.63 -0.84
CA GLU C 241 -12.68 33.72 0.00
C GLU C 241 -13.38 33.17 1.25
N ASP C 242 -13.07 33.75 2.41
CA ASP C 242 -13.42 33.19 3.72
C ASP C 242 -14.89 32.78 3.87
N GLU D 3 11.15 41.93 -25.92
CA GLU D 3 9.80 41.81 -26.44
C GLU D 3 8.90 42.94 -25.94
N SER D 4 7.84 43.22 -26.68
CA SER D 4 6.91 44.30 -26.35
C SER D 4 5.77 43.81 -25.46
N MET D 5 4.95 44.76 -25.05
CA MET D 5 3.75 44.36 -24.34
C MET D 5 2.71 45.46 -24.51
N ARG D 6 1.47 45.03 -24.73
CA ARG D 6 0.30 45.90 -24.72
C ARG D 6 -0.67 45.40 -23.65
N ILE D 7 -1.18 46.32 -22.82
CA ILE D 7 -2.07 45.99 -21.72
C ILE D 7 -3.36 46.78 -21.85
N GLU D 8 -4.46 46.12 -21.54
CA GLU D 8 -5.75 46.74 -21.32
C GLU D 8 -5.99 46.83 -19.81
N LEU D 9 -6.04 48.06 -19.30
CA LEU D 9 -6.40 48.34 -17.92
C LEU D 9 -7.89 48.63 -17.81
N GLU D 10 -8.60 47.85 -17.01
CA GLU D 10 -10.01 48.12 -16.73
C GLU D 10 -10.11 48.92 -15.43
N LEU D 11 -10.68 50.12 -15.53
CA LEU D 11 -10.84 51.08 -14.45
C LEU D 11 -12.31 51.17 -14.08
N GLN D 12 -12.58 51.52 -12.83
CA GLN D 12 -13.94 51.63 -12.35
C GLN D 12 -14.09 52.85 -11.46
N THR D 13 -15.06 53.72 -11.78
CA THR D 13 -15.42 54.86 -10.94
C THR D 13 -16.92 54.80 -10.66
N ASP D 14 -17.52 55.86 -10.10
CA ASP D 14 -18.95 55.82 -9.81
C ASP D 14 -19.76 55.76 -11.11
N ASN D 15 -20.87 55.01 -11.06
CA ASN D 15 -21.81 55.04 -12.18
C ASN D 15 -22.19 56.48 -12.51
N PHE D 16 -22.41 56.72 -13.81
CA PHE D 16 -22.86 57.97 -14.42
C PHE D 16 -21.81 59.07 -14.39
N THR D 17 -20.56 58.75 -14.06
CA THR D 17 -19.54 59.78 -14.03
C THR D 17 -19.26 60.24 -15.46
N VAL D 18 -19.07 61.55 -15.63
CA VAL D 18 -18.73 62.10 -16.94
C VAL D 18 -17.22 62.23 -17.00
N ILE D 19 -16.60 61.61 -18.00
CA ILE D 19 -15.19 61.77 -18.29
C ILE D 19 -15.06 62.97 -19.23
N PRO D 20 -14.46 64.06 -18.81
CA PRO D 20 -14.43 65.28 -19.64
C PRO D 20 -13.71 65.07 -20.96
N TYR D 21 -14.17 65.81 -21.98
CA TYR D 21 -13.52 65.76 -23.29
C TYR D 21 -12.05 66.14 -23.19
N ASN D 22 -11.69 67.02 -22.24
CA ASN D 22 -10.32 67.46 -22.13
C ASN D 22 -9.52 66.65 -21.11
N HIS D 23 -9.94 65.39 -20.86
CA HIS D 23 -9.33 64.58 -19.81
C HIS D 23 -7.90 64.15 -20.11
N GLN D 24 -7.47 64.16 -21.38
CA GLN D 24 -6.17 63.58 -21.71
C GLN D 24 -5.05 64.24 -20.93
N TYR D 25 -5.07 65.57 -20.81
CA TYR D 25 -4.00 66.25 -20.09
C TYR D 25 -3.87 65.78 -18.64
N TYR D 26 -5.01 65.60 -17.97
CA TYR D 26 -5.01 65.14 -16.59
C TYR D 26 -4.63 63.66 -16.49
N LEU D 27 -5.02 62.87 -17.48
CA LEU D 27 -4.58 61.48 -17.54
C LEU D 27 -3.07 61.39 -17.68
N ALA D 28 -2.50 62.17 -18.61
CA ALA D 28 -1.04 62.15 -18.78
C ALA D 28 -0.34 62.58 -17.50
N SER D 29 -0.87 63.60 -16.82
CA SER D 29 -0.29 63.98 -15.53
C SER D 29 -0.34 62.83 -14.53
N ALA D 30 -1.48 62.16 -14.45
CA ALA D 30 -1.62 61.07 -13.48
C ALA D 30 -0.63 59.96 -13.76
N ILE D 31 -0.47 59.61 -15.04
CA ILE D 31 0.44 58.52 -15.40
C ILE D 31 1.87 58.92 -15.06
N TYR D 32 2.26 60.14 -15.44
CA TYR D 32 3.58 60.63 -15.08
C TYR D 32 3.80 60.53 -13.56
N ASN D 33 2.82 60.98 -12.78
CA ASN D 33 3.01 61.01 -11.35
C ASN D 33 3.12 59.61 -10.76
N LYS D 34 2.39 58.63 -11.32
CA LYS D 34 2.59 57.25 -10.86
C LYS D 34 4.01 56.77 -11.16
N ILE D 35 4.46 56.98 -12.41
CA ILE D 35 5.78 56.46 -12.81
C ILE D 35 6.87 57.04 -11.92
N HIS D 36 6.72 58.29 -11.51
CA HIS D 36 7.74 59.00 -10.75
C HIS D 36 7.44 59.03 -9.26
N SER D 37 6.53 58.17 -8.80
CA SER D 37 6.11 58.15 -7.40
C SER D 37 7.17 57.54 -6.48
N ALA D 38 7.23 58.08 -5.26
CA ALA D 38 8.02 57.49 -4.20
C ALA D 38 7.33 56.31 -3.53
N ASN D 39 6.03 56.12 -3.78
CA ASN D 39 5.29 54.97 -3.29
C ASN D 39 6.06 53.69 -3.58
N PRO D 40 6.29 52.82 -2.59
CA PRO D 40 7.05 51.60 -2.83
C PRO D 40 6.45 50.70 -3.88
N ALA D 41 5.15 50.81 -4.16
CA ALA D 41 4.57 50.03 -5.25
C ALA D 41 5.26 50.30 -6.59
N TYR D 42 5.80 51.51 -6.77
CA TYR D 42 6.47 51.91 -7.99
C TYR D 42 7.98 52.06 -7.87
N ALA D 43 8.49 52.47 -6.69
CA ALA D 43 9.86 52.98 -6.57
C ALA D 43 10.90 51.97 -7.02
N LYS D 44 10.87 50.75 -6.44
CA LYS D 44 11.83 49.73 -6.88
C LYS D 44 11.56 49.31 -8.32
N ARG D 45 10.29 49.09 -8.65
CA ARG D 45 9.96 48.54 -9.95
C ARG D 45 10.39 49.44 -11.09
N LEU D 46 10.30 50.75 -10.90
CA LEU D 46 10.54 51.69 -11.99
C LEU D 46 11.82 52.50 -11.81
N HIS D 47 12.71 52.06 -10.92
CA HIS D 47 13.93 52.82 -10.65
C HIS D 47 14.70 53.09 -11.94
N ASN D 48 14.74 52.12 -12.85
CA ASN D 48 15.48 52.25 -14.08
C ASN D 48 14.69 52.91 -15.19
N TYR D 49 13.47 53.40 -14.92
CA TYR D 49 12.60 53.91 -15.99
C TYR D 49 12.14 55.34 -15.78
N GLN D 50 12.85 56.13 -14.97
CA GLN D 50 12.42 57.50 -14.69
C GLN D 50 12.55 58.43 -15.88
N LYS D 51 13.40 58.11 -16.84
CA LYS D 51 13.51 58.92 -18.04
C LYS D 51 13.15 58.13 -19.30
N PHE D 52 12.49 56.99 -19.14
CA PHE D 52 12.16 56.14 -20.27
C PHE D 52 10.97 56.72 -21.03
N LYS D 53 11.12 56.88 -22.35
CA LYS D 53 10.08 57.54 -23.14
C LYS D 53 9.56 56.69 -24.30
N PHE D 54 9.96 55.42 -24.42
CA PHE D 54 9.51 54.59 -25.54
C PHE D 54 8.28 53.77 -25.16
N PHE D 55 7.20 54.49 -24.88
CA PHE D 55 5.91 53.86 -24.59
C PHE D 55 4.83 54.86 -24.92
N THR D 56 3.60 54.36 -25.04
CA THR D 56 2.45 55.21 -25.31
C THR D 56 1.25 54.68 -24.53
N PHE D 57 0.18 55.47 -24.51
CA PHE D 57 -1.10 55.04 -23.95
C PHE D 57 -2.24 55.79 -24.64
N SER D 58 -3.43 55.25 -24.47
CA SER D 58 -4.60 55.74 -25.19
C SER D 58 -5.32 56.82 -24.38
N LEU D 59 -6.34 57.44 -24.99
CA LEU D 59 -7.35 58.16 -24.23
C LEU D 59 -8.15 57.15 -23.41
N LEU D 60 -8.89 57.64 -22.40
CA LEU D 60 -9.82 56.75 -21.71
C LEU D 60 -10.96 56.38 -22.64
N GLN D 61 -11.26 55.09 -22.75
CA GLN D 61 -12.34 54.62 -23.60
C GLN D 61 -13.51 54.17 -22.73
N ILE D 62 -14.73 54.52 -23.15
CA ILE D 62 -15.95 54.16 -22.43
C ILE D 62 -16.82 53.33 -23.36
N ARG D 63 -17.27 52.17 -22.87
CA ARG D 63 -18.06 51.27 -23.71
C ARG D 63 -19.56 51.49 -23.57
N LYS D 64 -20.05 51.68 -22.36
CA LYS D 64 -21.49 51.94 -22.11
C LYS D 64 -21.63 53.44 -21.88
N ARG D 65 -21.89 54.19 -22.96
CA ARG D 65 -21.63 55.62 -22.95
C ARG D 65 -22.87 56.45 -23.25
N VAL D 66 -22.86 57.68 -22.76
CA VAL D 66 -23.81 58.70 -23.16
C VAL D 66 -23.02 59.96 -23.51
N ILE D 67 -23.26 60.49 -24.71
CA ILE D 67 -22.59 61.73 -25.11
C ILE D 67 -23.19 62.88 -24.33
N ARG D 68 -22.36 63.63 -23.63
CA ARG D 68 -22.81 64.74 -22.82
C ARG D 68 -22.15 66.03 -23.25
N LYS D 69 -22.62 67.08 -22.60
CA LYS D 69 -22.14 68.43 -22.87
C LYS D 69 -20.66 68.56 -22.50
N GLU D 70 -20.28 68.05 -21.32
CA GLU D 70 -18.92 68.22 -20.82
C GLU D 70 -17.99 67.09 -21.20
N GLY D 71 -18.52 65.95 -21.63
CA GLY D 71 -17.68 64.80 -21.86
C GLY D 71 -18.54 63.59 -22.15
N ILE D 72 -17.96 62.43 -21.90
CA ILE D 72 -18.64 61.15 -22.14
C ILE D 72 -19.03 60.55 -20.79
N GLU D 73 -20.31 60.28 -20.62
CA GLU D 73 -20.79 59.63 -19.41
C GLU D 73 -20.55 58.13 -19.51
N THR D 74 -19.98 57.55 -18.46
CA THR D 74 -19.87 56.11 -18.35
C THR D 74 -21.01 55.61 -17.47
N ILE D 75 -21.91 54.84 -18.06
CA ILE D 75 -23.13 54.42 -17.37
C ILE D 75 -22.82 53.47 -16.24
N ASP D 76 -21.92 52.51 -16.48
CA ASP D 76 -21.57 51.52 -15.47
C ASP D 76 -20.32 51.89 -14.70
N GLY D 77 -19.79 53.10 -14.91
CA GLY D 77 -18.61 53.54 -14.21
C GLY D 77 -17.30 52.97 -14.74
N LYS D 78 -17.35 52.07 -15.72
CA LYS D 78 -16.11 51.49 -16.25
C LYS D 78 -15.49 52.35 -17.33
N ALA D 79 -14.15 52.31 -17.39
CA ALA D 79 -13.41 52.93 -18.48
C ALA D 79 -12.19 52.06 -18.74
N TYR D 80 -11.63 52.17 -19.94
CA TYR D 80 -10.56 51.30 -20.38
C TYR D 80 -9.38 52.14 -20.85
N LEU D 81 -8.18 51.78 -20.39
CA LEU D 81 -6.95 52.50 -20.70
C LEU D 81 -6.00 51.48 -21.31
N TYR D 82 -5.50 51.75 -22.50
CA TYR D 82 -4.52 50.86 -23.13
C TYR D 82 -3.14 51.47 -23.02
N ILE D 83 -2.15 50.63 -22.72
CA ILE D 83 -0.78 51.12 -22.59
C ILE D 83 0.13 50.11 -23.26
N SER D 84 1.17 50.61 -23.95
CA SER D 84 2.00 49.72 -24.74
C SER D 84 3.44 50.21 -24.78
N SER D 85 4.37 49.26 -24.94
CA SER D 85 5.79 49.63 -25.10
C SER D 85 6.52 48.50 -25.82
N PRO D 86 7.51 48.82 -26.66
CA PRO D 86 8.41 47.75 -27.13
C PRO D 86 9.29 47.20 -26.03
N ASN D 87 9.30 47.81 -24.84
CA ASN D 87 10.00 47.26 -23.68
C ASN D 87 8.99 46.61 -22.74
N ASN D 88 8.93 45.28 -22.75
CA ASN D 88 7.90 44.62 -21.93
C ASN D 88 8.20 44.73 -20.45
N GLU D 89 9.47 44.83 -20.06
CA GLU D 89 9.76 44.95 -18.64
C GLU D 89 9.19 46.24 -18.07
N PHE D 90 9.25 47.34 -18.83
CA PHE D 90 8.61 48.57 -18.37
C PHE D 90 7.12 48.36 -18.09
N ILE D 91 6.41 47.77 -19.06
CA ILE D 91 4.97 47.59 -18.93
C ILE D 91 4.66 46.64 -17.77
N GLU D 92 5.39 45.52 -17.69
CA GLU D 92 5.13 44.56 -16.61
C GLU D 92 5.30 45.22 -15.25
N ASN D 93 6.39 45.95 -15.05
CA ASN D 93 6.65 46.58 -13.75
C ASN D 93 5.64 47.69 -13.45
N PHE D 94 5.36 48.54 -14.46
CA PHE D 94 4.40 49.61 -14.24
C PHE D 94 3.02 49.04 -13.90
N VAL D 95 2.57 48.03 -14.64
CA VAL D 95 1.26 47.46 -14.38
C VAL D 95 1.23 46.77 -13.02
N ALA D 96 2.32 46.08 -12.64
CA ALA D 96 2.35 45.46 -11.31
C ALA D 96 2.18 46.53 -10.22
N GLY D 97 2.84 47.67 -10.39
CA GLY D 97 2.65 48.75 -9.44
C GLY D 97 1.23 49.31 -9.45
N LEU D 98 0.66 49.51 -10.65
CA LEU D 98 -0.72 50.01 -10.75
C LEU D 98 -1.72 49.08 -10.07
N LEU D 99 -1.54 47.77 -10.25
CA LEU D 99 -2.47 46.84 -9.63
C LEU D 99 -2.30 46.82 -8.12
N GLU D 100 -1.05 46.87 -7.64
CA GLU D 100 -0.82 46.85 -6.20
C GLU D 100 -1.36 48.12 -5.54
N ASP D 101 -1.04 49.28 -6.12
CA ASP D 101 -1.59 50.56 -5.69
C ASP D 101 -3.12 50.54 -5.74
N GLY D 102 -3.67 50.27 -6.93
CA GLY D 102 -5.09 50.02 -7.08
C GLY D 102 -5.97 51.23 -7.33
N LYS D 103 -5.41 52.43 -7.32
CA LYS D 103 -6.19 53.67 -7.46
C LYS D 103 -5.51 54.56 -8.49
N LEU D 104 -6.31 55.21 -9.33
CA LEU D 104 -5.78 56.17 -10.31
C LEU D 104 -6.73 57.36 -10.38
N ARG D 105 -6.26 58.55 -10.03
CA ARG D 105 -7.09 59.74 -10.08
C ARG D 105 -6.76 60.53 -11.35
N VAL D 106 -7.76 60.80 -12.16
CA VAL D 106 -7.62 61.56 -13.40
C VAL D 106 -8.45 62.81 -13.23
N GLY D 107 -7.79 63.95 -13.04
CA GLY D 107 -8.54 65.17 -12.75
C GLY D 107 -9.32 65.01 -11.46
N ASN D 108 -10.64 65.14 -11.53
CA ASN D 108 -11.47 64.99 -10.35
C ASN D 108 -12.09 63.60 -10.23
N VAL D 109 -11.74 62.68 -11.12
CA VAL D 109 -12.37 61.36 -11.14
C VAL D 109 -11.44 60.34 -10.51
N GLU D 110 -11.95 59.61 -9.53
CA GLU D 110 -11.17 58.58 -8.86
C GLU D 110 -11.57 57.22 -9.43
N PHE D 111 -10.59 56.48 -9.96
CA PHE D 111 -10.79 55.13 -10.47
C PHE D 111 -10.16 54.10 -9.55
N PHE D 112 -10.82 52.96 -9.43
CA PHE D 112 -10.15 51.73 -9.01
C PHE D 112 -9.57 51.06 -10.23
N VAL D 113 -8.33 50.58 -10.10
CA VAL D 113 -7.68 49.80 -11.15
C VAL D 113 -8.08 48.35 -10.90
N ARG D 114 -9.05 47.86 -11.67
CA ARG D 114 -9.70 46.57 -11.43
C ARG D 114 -8.95 45.41 -12.06
N LYS D 115 -8.59 45.55 -13.33
CA LYS D 115 -8.04 44.39 -14.04
C LYS D 115 -6.99 44.85 -15.04
N ALA D 116 -6.06 43.96 -15.36
CA ALA D 116 -5.04 44.18 -16.39
C ALA D 116 -4.94 42.94 -17.29
N LYS D 117 -5.13 43.12 -18.58
CA LYS D 117 -5.08 42.02 -19.54
C LYS D 117 -4.03 42.25 -20.61
N ILE D 118 -3.20 41.26 -20.84
CA ILE D 118 -2.19 41.30 -21.89
C ILE D 118 -2.87 40.95 -23.21
N LEU D 119 -2.60 41.75 -24.26
CA LEU D 119 -3.33 41.63 -25.51
C LEU D 119 -2.43 41.15 -26.64
N PRO D 120 -2.97 40.39 -27.59
CA PRO D 120 -2.19 39.99 -28.77
C PRO D 120 -1.91 41.17 -29.70
N ILE D 121 -0.81 41.05 -30.44
CA ILE D 121 -0.43 41.97 -31.53
C ILE D 121 -0.92 41.39 -32.86
N PRO D 122 -1.45 42.19 -33.80
CA PRO D 122 -1.77 41.63 -35.12
C PRO D 122 -0.53 41.02 -35.77
N LYS D 123 -0.74 39.85 -36.41
CA LYS D 123 0.35 39.21 -37.14
C LYS D 123 0.57 39.83 -38.51
N LYS D 124 -0.38 40.63 -38.98
CA LYS D 124 -0.25 41.41 -40.19
C LYS D 124 -1.01 42.71 -39.98
N PHE D 125 -0.52 43.78 -40.59
CA PHE D 125 -1.16 45.09 -40.45
C PHE D 125 -1.79 45.51 -41.77
N ASN D 126 -2.93 46.19 -41.66
CA ASN D 126 -3.58 46.72 -42.85
C ASN D 126 -4.10 48.12 -42.57
N ILE D 127 -5.19 48.22 -41.80
CA ILE D 127 -5.74 49.52 -41.42
C ILE D 127 -5.51 49.75 -39.92
N LEU D 128 -5.00 50.93 -39.58
CA LEU D 128 -4.76 51.37 -38.21
C LEU D 128 -5.61 52.58 -37.90
N LYS D 129 -6.02 52.70 -36.64
CA LYS D 129 -6.67 53.94 -36.20
C LYS D 129 -6.10 54.40 -34.88
N THR D 130 -6.03 55.72 -34.68
CA THR D 130 -5.50 56.25 -33.43
C THR D 130 -6.51 56.02 -32.32
N ILE D 131 -6.00 55.59 -31.16
CA ILE D 131 -6.77 55.64 -29.93
C ILE D 131 -6.21 56.67 -28.96
N SER D 132 -5.07 57.28 -29.30
CA SER D 132 -4.74 58.63 -28.84
C SER D 132 -4.17 59.35 -30.06
N PRO D 133 -4.44 60.64 -30.21
CA PRO D 133 -4.12 61.29 -31.49
C PRO D 133 -2.61 61.46 -31.71
N ILE D 134 -2.22 61.62 -32.97
CA ILE D 134 -0.81 61.70 -33.36
C ILE D 134 -0.39 63.17 -33.32
N TYR D 135 0.73 63.41 -32.64
CA TYR D 135 1.36 64.73 -32.50
C TYR D 135 2.65 64.74 -33.28
N LEU D 136 2.86 65.79 -34.07
CA LEU D 136 4.05 65.87 -34.93
C LEU D 136 4.38 67.35 -35.10
N LYS D 137 5.60 67.76 -34.78
CA LYS D 137 5.90 69.19 -34.78
C LYS D 137 7.18 69.47 -35.55
N THR D 138 7.35 70.75 -35.91
CA THR D 138 8.61 71.23 -36.45
C THR D 138 8.79 72.68 -36.02
N MET D 139 10.03 73.14 -35.89
CA MET D 139 10.27 74.49 -35.42
C MET D 139 10.37 75.44 -36.60
N ILE D 140 9.81 76.65 -36.46
CA ILE D 140 9.78 77.60 -37.57
C ILE D 140 10.12 79.01 -37.07
N GLU D 141 10.90 79.73 -37.86
CA GLU D 141 11.24 81.10 -37.54
C GLU D 141 10.09 82.02 -37.94
N THR D 142 9.65 82.86 -37.01
CA THR D 142 8.62 83.86 -37.29
C THR D 142 9.16 85.24 -36.93
N GLU D 143 8.37 86.26 -37.25
CA GLU D 143 8.73 87.62 -36.82
C GLU D 143 8.74 87.74 -35.30
N ASP D 144 8.11 86.78 -34.61
CA ASP D 144 8.09 86.76 -33.16
C ASP D 144 9.10 85.75 -32.60
N GLY D 145 10.05 85.30 -33.40
CA GLY D 145 11.04 84.33 -32.95
C GLY D 145 10.71 82.88 -33.33
N LEU D 146 11.53 81.97 -32.81
CA LEU D 146 11.32 80.55 -33.11
C LEU D 146 10.06 80.05 -32.42
N LYS D 147 9.18 79.40 -33.18
CA LYS D 147 7.90 78.90 -32.68
C LYS D 147 7.70 77.44 -33.10
N THR D 148 6.75 76.77 -32.43
CA THR D 148 6.45 75.38 -32.75
C THR D 148 5.25 75.31 -33.68
N TYR D 149 5.41 74.63 -34.81
CA TYR D 149 4.35 74.38 -35.77
C TYR D 149 3.91 72.92 -35.67
N ASP D 150 2.61 72.70 -35.58
CA ASP D 150 2.03 71.36 -35.46
C ASP D 150 1.63 70.85 -36.84
N LEU D 151 2.30 69.79 -37.30
CA LEU D 151 1.98 69.17 -38.58
C LEU D 151 0.75 68.28 -38.45
N LEU D 152 -0.15 68.41 -39.44
CA LEU D 152 -1.34 67.60 -39.65
C LEU D 152 -1.26 66.97 -41.04
N PRO D 153 -2.08 65.94 -41.32
CA PRO D 153 -1.92 65.21 -42.59
C PRO D 153 -2.08 66.08 -43.82
N ASN D 154 -2.73 67.24 -43.74
CA ASN D 154 -2.81 68.12 -44.90
C ASN D 154 -1.55 68.99 -45.07
N ASN D 155 -0.58 68.91 -44.18
CA ASN D 155 0.73 69.54 -44.38
C ASN D 155 1.64 68.66 -45.22
N SER D 156 2.38 69.28 -46.15
CA SER D 156 3.25 68.52 -47.03
C SER D 156 4.38 67.82 -46.27
N LYS D 157 4.83 68.40 -45.15
CA LYS D 157 5.91 67.75 -44.41
C LYS D 157 5.44 66.57 -43.56
N PHE D 158 4.12 66.38 -43.41
CA PHE D 158 3.60 65.38 -42.47
C PHE D 158 4.08 63.97 -42.81
N TYR D 159 3.93 63.57 -44.08
CA TYR D 159 4.19 62.18 -44.48
C TYR D 159 5.61 61.74 -44.13
N GLU D 160 6.61 62.47 -44.65
CA GLU D 160 8.00 62.07 -44.38
C GLU D 160 8.41 62.32 -42.94
N ASN D 161 7.87 63.36 -42.30
CA ASN D 161 8.21 63.59 -40.89
C ASN D 161 7.70 62.45 -40.00
N LEU D 162 6.51 61.93 -40.30
CA LEU D 162 6.00 60.79 -39.52
C LEU D 162 6.88 59.56 -39.73
N LYS D 163 7.21 59.29 -41.01
CA LYS D 163 8.07 58.14 -41.28
C LYS D 163 9.43 58.29 -40.60
N ASN D 164 10.04 59.47 -40.71
CA ASN D 164 11.38 59.67 -40.17
C ASN D 164 11.37 59.65 -38.65
N ASN D 165 10.31 60.19 -38.03
CA ASN D 165 10.20 60.04 -36.58
C ASN D 165 10.21 58.57 -36.19
N LEU D 166 9.42 57.75 -36.90
CA LEU D 166 9.38 56.33 -36.53
C LEU D 166 10.75 55.67 -36.70
N LYS D 167 11.44 55.97 -37.81
CA LYS D 167 12.76 55.36 -38.03
C LYS D 167 13.78 55.81 -36.97
N LYS D 168 13.76 57.09 -36.61
CA LYS D 168 14.67 57.60 -35.60
C LYS D 168 14.41 56.98 -34.24
N LYS D 169 13.12 56.85 -33.87
CA LYS D 169 12.78 56.20 -32.60
C LYS D 169 13.23 54.76 -32.59
N TYR D 170 13.01 54.05 -33.70
CA TYR D 170 13.48 52.68 -33.83
C TYR D 170 14.97 52.59 -33.57
N GLU D 171 15.74 53.48 -34.23
CA GLU D 171 17.18 53.43 -34.06
C GLU D 171 17.60 53.78 -32.63
N ALA D 172 16.91 54.73 -32.01
CA ALA D 172 17.25 55.10 -30.64
C ALA D 172 16.90 53.99 -29.66
N PHE D 173 15.80 53.27 -29.90
CA PHE D 173 15.40 52.24 -28.95
C PHE D 173 16.26 51.00 -29.10
N TYR D 174 16.52 50.57 -30.33
CA TYR D 174 17.27 49.34 -30.56
C TYR D 174 18.78 49.58 -30.67
N ASN D 175 19.22 50.84 -30.79
CA ASN D 175 20.63 51.18 -30.98
C ASN D 175 21.24 50.41 -32.16
N GLU D 176 20.50 50.40 -33.26
CA GLU D 176 20.96 49.77 -34.49
C GLU D 176 20.35 50.53 -35.66
N LYS D 177 20.97 50.39 -36.83
CA LYS D 177 20.47 51.08 -38.01
C LYS D 177 19.10 50.51 -38.38
N CYS D 178 18.19 51.40 -38.75
CA CYS D 178 16.88 50.98 -39.25
C CYS D 178 16.97 50.87 -40.76
N ASP D 179 17.16 49.65 -41.24
CA ASP D 179 17.20 49.39 -42.68
C ASP D 179 15.84 49.02 -43.23
N MET D 180 14.76 49.50 -42.64
CA MET D 180 13.40 49.14 -43.04
C MET D 180 12.66 50.39 -43.49
N ASN D 181 11.52 50.16 -44.13
CA ASN D 181 10.70 51.25 -44.61
C ASN D 181 9.24 50.83 -44.53
N PHE D 182 8.36 51.83 -44.54
CA PHE D 182 6.93 51.58 -44.68
C PHE D 182 6.31 52.74 -45.43
N GLU D 183 5.06 52.54 -45.87
CA GLU D 183 4.30 53.61 -46.50
C GLU D 183 2.88 53.55 -45.97
N PHE D 184 2.13 54.63 -46.16
CA PHE D 184 0.79 54.66 -45.63
C PHE D 184 -0.08 55.61 -46.45
N GLU D 185 -1.40 55.48 -46.24
CA GLU D 185 -2.41 56.31 -46.89
C GLU D 185 -3.39 56.76 -45.83
N VAL D 186 -3.56 58.07 -45.69
CA VAL D 186 -4.52 58.59 -44.71
C VAL D 186 -5.92 58.43 -45.27
N LEU D 187 -6.76 57.67 -44.57
CA LEU D 187 -8.14 57.46 -44.96
C LEU D 187 -9.08 58.44 -44.31
N LYS D 188 -8.74 58.92 -43.13
CA LYS D 188 -9.62 59.87 -42.45
C LYS D 188 -8.80 60.60 -41.40
N PHE D 189 -9.02 61.89 -41.23
CA PHE D 189 -8.40 62.54 -40.10
C PHE D 189 -9.24 63.73 -39.63
N ARG D 190 -9.16 64.00 -38.33
CA ARG D 190 -9.85 65.09 -37.67
C ARG D 190 -8.80 65.73 -36.76
N PRO D 191 -8.62 67.04 -36.84
CA PRO D 191 -7.72 67.70 -35.91
C PRO D 191 -8.35 67.84 -34.53
N LYS D 192 -7.50 67.77 -33.51
CA LYS D 192 -7.92 67.86 -32.13
C LYS D 192 -7.03 68.86 -31.41
N ARG D 193 -7.62 69.77 -30.65
CA ARG D 193 -6.86 70.72 -29.87
C ARG D 193 -6.64 70.12 -28.47
N MET D 194 -5.37 69.92 -28.10
CA MET D 194 -5.00 69.15 -26.90
C MET D 194 -4.05 69.96 -26.04
N ARG D 195 -4.36 70.11 -24.75
CA ARG D 195 -3.45 70.78 -23.82
C ARG D 195 -2.23 69.90 -23.55
N ILE D 196 -1.00 70.45 -23.62
CA ILE D 196 0.19 69.59 -23.51
C ILE D 196 1.14 69.96 -22.39
N LYS D 197 1.42 71.22 -22.18
CA LYS D 197 2.34 71.58 -21.12
C LYS D 197 2.06 73.02 -20.74
N ASN D 198 2.10 73.29 -19.44
CA ASN D 198 1.66 74.57 -18.90
C ASN D 198 0.26 74.83 -19.44
N ASP D 199 0.11 75.89 -20.21
CA ASP D 199 -1.15 76.30 -20.81
C ASP D 199 -1.06 76.32 -22.33
N ILE D 200 -0.17 75.51 -22.87
CA ILE D 200 0.04 75.43 -24.31
C ILE D 200 -0.84 74.32 -24.85
N TYR D 201 -1.56 74.62 -25.92
CA TYR D 201 -2.36 73.66 -26.66
C TYR D 201 -1.71 73.37 -28.01
N CYS D 202 -1.79 72.13 -28.44
CA CYS D 202 -1.27 71.75 -29.74
C CYS D 202 -2.42 71.26 -30.59
N ARG D 203 -2.17 71.15 -31.88
CA ARG D 203 -3.09 70.51 -32.81
C ARG D 203 -2.51 69.15 -33.14
N CYS D 204 -3.33 68.10 -32.94
CA CYS D 204 -3.00 66.69 -33.10
C CYS D 204 -3.99 66.03 -34.06
N SER D 205 -3.64 64.84 -34.55
CA SER D 205 -4.44 64.17 -35.58
C SER D 205 -5.09 62.91 -35.02
N GLU D 206 -6.41 62.90 -34.95
CA GLU D 206 -7.17 61.66 -34.84
C GLU D 206 -7.27 61.10 -36.26
N MET D 207 -6.78 59.89 -36.50
CA MET D 207 -6.77 59.45 -37.90
C MET D 207 -6.88 57.95 -38.06
N VAL D 208 -7.33 57.58 -39.25
CA VAL D 208 -7.41 56.19 -39.72
C VAL D 208 -6.56 56.13 -40.99
N PHE D 209 -5.68 55.13 -41.07
CA PHE D 209 -4.75 55.07 -42.19
C PHE D 209 -4.37 53.64 -42.51
N LYS D 210 -4.15 53.38 -43.80
CA LYS D 210 -3.70 52.09 -44.28
C LYS D 210 -2.18 52.08 -44.30
N VAL D 211 -1.57 50.96 -43.93
CA VAL D 211 -0.11 50.88 -43.91
C VAL D 211 0.34 49.66 -44.70
N TRP D 212 1.54 49.75 -45.26
CA TRP D 212 2.20 48.60 -45.88
C TRP D 212 3.70 48.79 -45.79
N GLY D 213 4.44 47.71 -46.04
CA GLY D 213 5.89 47.74 -45.91
C GLY D 213 6.38 46.73 -44.90
N ASP D 214 7.48 47.07 -44.25
CA ASP D 214 8.17 46.11 -43.39
C ASP D 214 7.40 45.92 -42.09
N TYR D 215 6.98 44.69 -41.83
CA TYR D 215 6.15 44.38 -40.67
C TYR D 215 6.83 44.82 -39.36
N ASP D 216 8.14 44.58 -39.21
CA ASP D 216 8.79 44.88 -37.95
C ASP D 216 8.80 46.37 -37.64
N LEU D 217 8.92 47.21 -38.67
CA LEU D 217 8.89 48.65 -38.42
C LEU D 217 7.48 49.11 -38.03
N ILE D 218 6.48 48.68 -38.78
CA ILE D 218 5.10 49.03 -38.47
C ILE D 218 4.75 48.54 -37.07
N LYS D 219 5.20 47.34 -36.72
CA LYS D 219 4.98 46.78 -35.39
C LYS D 219 5.63 47.65 -34.33
N PHE D 220 6.82 48.20 -34.63
CA PHE D 220 7.42 49.12 -33.68
C PHE D 220 6.53 50.35 -33.45
N GLY D 221 5.93 50.87 -34.51
CA GLY D 221 4.98 51.96 -34.33
C GLY D 221 3.73 51.53 -33.55
N TYR D 222 3.29 50.30 -33.78
CA TYR D 222 2.15 49.76 -33.04
C TYR D 222 2.47 49.70 -31.55
N GLU D 223 3.73 49.39 -31.21
CA GLU D 223 4.09 49.18 -29.82
C GLU D 223 4.54 50.45 -29.12
N CYS D 224 5.22 51.35 -29.84
CA CYS D 224 5.77 52.57 -29.27
C CYS D 224 4.84 53.76 -29.43
N GLY D 225 3.98 53.75 -30.44
CA GLY D 225 3.19 54.88 -30.84
C GLY D 225 3.78 55.55 -32.08
N PHE D 226 2.92 56.22 -32.84
CA PHE D 226 3.33 57.03 -33.97
C PHE D 226 3.48 58.49 -33.54
N GLY D 227 4.35 59.22 -34.25
CA GLY D 227 4.53 60.60 -33.88
C GLY D 227 5.34 60.76 -32.59
N GLU D 228 5.27 61.98 -32.06
CA GLU D 228 6.07 62.43 -30.93
C GLU D 228 5.23 62.47 -29.66
N LYS D 229 5.92 62.70 -28.53
CA LYS D 229 5.30 62.77 -27.19
C LYS D 229 4.53 61.48 -26.85
N ASN D 230 5.01 60.34 -27.32
CA ASN D 230 4.33 59.08 -27.02
C ASN D 230 4.17 58.89 -25.52
N SER D 231 5.22 59.17 -24.73
CA SER D 231 5.16 58.91 -23.31
C SER D 231 4.27 59.89 -22.57
N MET D 232 3.80 60.94 -23.23
CA MET D 232 2.77 61.82 -22.69
C MET D 232 1.39 61.40 -23.14
N GLY D 233 1.28 60.26 -23.79
CA GLY D 233 0.01 59.69 -24.15
C GLY D 233 -0.47 59.98 -25.55
N PHE D 234 0.42 60.19 -26.51
CA PHE D 234 0.01 60.50 -27.86
C PHE D 234 0.42 59.39 -28.82
N GLY D 235 -0.39 59.21 -29.85
CA GLY D 235 0.04 58.43 -30.99
C GLY D 235 -0.22 56.94 -30.91
N MET D 236 -1.01 56.49 -29.95
CA MET D 236 -1.27 55.04 -29.86
C MET D 236 -2.33 54.64 -30.89
N VAL D 237 -2.11 53.50 -31.56
CA VAL D 237 -3.01 53.02 -32.60
C VAL D 237 -3.47 51.60 -32.25
N VAL D 238 -4.51 51.19 -32.95
CA VAL D 238 -5.05 49.84 -32.83
C VAL D 238 -5.42 49.40 -34.25
N ASN D 239 -5.39 48.10 -34.50
CA ASN D 239 -5.80 47.60 -35.81
C ASN D 239 -7.32 47.70 -35.97
N VAL D 240 -7.75 47.95 -37.21
CA VAL D 240 -9.16 48.05 -37.57
C VAL D 240 -9.53 46.81 -38.37
N GLU D 241 -10.56 46.11 -37.91
CA GLU D 241 -10.97 44.84 -38.51
C GLU D 241 -11.68 45.05 -39.84
N ASP D 242 -11.25 44.34 -40.87
CA ASP D 242 -11.84 44.42 -42.20
C ASP D 242 -13.22 43.75 -42.24
#